data_6M2L
#
_entry.id   6M2L
#
_cell.length_a   102.432
_cell.length_b   102.432
_cell.length_c   248.305
_cell.angle_alpha   90.000
_cell.angle_beta   90.000
_cell.angle_gamma   90.000
#
_symmetry.space_group_name_H-M   'P 41 2 2'
#
loop_
_entity.id
_entity.type
_entity.pdbx_description
1 polymer 'Hexose transporter 1'
2 non-polymer (2S,3R,4S,5R,6R)-6-(hydroxymethyl)-4-undec-10-enoxy-oxane-2,3,5-triol
#
_entity_poly.entity_id   1
_entity_poly.type   'polypeptide(L)'
_entity_poly.pdbx_seq_one_letter_code
;MTKSSKDICSENEGKKNGKSGFFSTSFKYVLSACIASFIFGYQVSVLNTIKNFIVVEFEWCKGEKDRLNCSNNTIQSSFL
LASVFIGAVLGCGFSGYLVQFGRRLSLLIIYNFFFLVSILTSITHHFHTILFARLLSGFGIGLVTVSVPMYISEMTHKDK
KGAYGVMHQLFITFGIFVAVMLGLAMGEGPKADSTEPLTSFAKLWWRLMFLFPSVISLIGILALVVFFKEETPYFLFEKG
RIEESKNILKKIYETDNVDEPLNAIKEAVEQNESAKKNSLSLLSALKIPSYRYVIILGCLLSGLQQFTGINVLVSNSNEL
YKEFLDSHLITILSVVMTAVNFLMTFPAIYIVEKLGRKTLLLWGCVGVLVAYLPTAIANEINRNSNFVKILSIVATFVMI
ISFAVSYGPVLWIYLHEMFPSEIKDSAASLASLVNWVCAIIVVFPSDIIIKKSPSILFIVFSVMSILTFFFIFFFIKETK
GGEIGTSPYITMEERQKHMTKSVV
;
_entity_poly.pdbx_strand_id   A,B
#
# COMPACT_ATOMS: atom_id res chain seq x y z
N SER A 24 1.70 -24.87 14.35
CA SER A 24 0.94 -24.54 13.15
C SER A 24 0.62 -23.04 13.11
N THR A 25 0.23 -22.49 14.25
CA THR A 25 -0.03 -21.06 14.37
C THR A 25 1.29 -20.31 14.47
N SER A 26 2.17 -20.80 15.34
CA SER A 26 3.52 -20.28 15.46
C SER A 26 4.20 -20.36 14.09
N PHE A 27 3.86 -21.39 13.34
CA PHE A 27 4.33 -21.54 11.96
C PHE A 27 3.89 -20.36 11.11
N LYS A 28 2.71 -19.82 11.39
CA LYS A 28 2.18 -18.67 10.65
C LYS A 28 2.86 -17.37 11.06
N TYR A 29 3.01 -17.15 12.36
CA TYR A 29 3.75 -15.98 12.84
C TYR A 29 5.15 -15.96 12.23
N VAL A 30 5.81 -17.11 12.32
CA VAL A 30 7.13 -17.31 11.74
C VAL A 30 7.07 -17.11 10.23
N LEU A 31 5.94 -17.43 9.61
CA LEU A 31 5.77 -17.19 8.17
C LEU A 31 5.79 -15.70 7.86
N SER A 32 5.15 -14.90 8.71
CA SER A 32 5.17 -13.44 8.52
C SER A 32 6.59 -12.89 8.70
N ALA A 33 7.24 -13.29 9.78
CA ALA A 33 8.62 -12.90 10.01
C ALA A 33 9.51 -13.37 8.87
N CYS A 34 9.05 -14.42 8.19
CA CYS A 34 9.75 -14.98 7.04
C CYS A 34 9.45 -14.19 5.77
N ILE A 35 8.35 -13.44 5.78
CA ILE A 35 8.10 -12.48 4.71
C ILE A 35 9.10 -11.34 4.88
N ALA A 36 9.28 -10.91 6.13
CA ALA A 36 10.30 -9.92 6.43
C ALA A 36 11.69 -10.42 5.99
N SER A 37 11.99 -11.66 6.35
CA SER A 37 13.25 -12.30 5.97
C SER A 37 13.39 -12.38 4.45
N PHE A 38 12.26 -12.56 3.77
CA PHE A 38 12.23 -12.61 2.32
C PHE A 38 12.68 -11.26 1.74
N ILE A 39 12.11 -10.19 2.29
CA ILE A 39 12.52 -8.84 1.90
C ILE A 39 14.01 -8.64 2.10
N PHE A 40 14.49 -9.04 3.29
CA PHE A 40 15.91 -8.98 3.61
C PHE A 40 16.76 -9.67 2.54
N GLY A 41 16.40 -10.92 2.24
CA GLY A 41 17.10 -11.70 1.23
C GLY A 41 17.14 -11.02 -0.12
N TYR A 42 15.99 -10.49 -0.55
CA TYR A 42 15.95 -9.76 -1.81
C TYR A 42 16.94 -8.60 -1.79
N GLN A 43 16.94 -7.85 -0.69
CA GLN A 43 17.81 -6.67 -0.59
C GLN A 43 19.27 -7.08 -0.69
N VAL A 44 19.62 -8.19 -0.04
CA VAL A 44 20.97 -8.74 -0.13
C VAL A 44 21.32 -9.04 -1.59
N SER A 45 20.43 -9.75 -2.28
CA SER A 45 20.69 -10.17 -3.66
C SER A 45 20.80 -8.99 -4.64
N VAL A 46 19.91 -8.01 -4.53
CA VAL A 46 19.96 -6.86 -5.42
C VAL A 46 21.22 -6.04 -5.09
N LEU A 47 21.66 -6.07 -3.83
CA LEU A 47 22.93 -5.41 -3.49
C LEU A 47 24.10 -6.11 -4.17
N ASN A 48 24.05 -7.44 -4.23
CA ASN A 48 25.08 -8.22 -4.93
C ASN A 48 25.13 -7.96 -6.45
N THR A 49 23.98 -7.87 -7.09
CA THR A 49 23.90 -7.50 -8.50
C THR A 49 24.34 -6.05 -8.77
N ILE A 50 24.00 -5.15 -7.84
CA ILE A 50 24.44 -3.76 -7.94
C ILE A 50 25.97 -3.72 -7.94
N LYS A 51 26.59 -4.34 -6.93
CA LYS A 51 28.04 -4.28 -6.80
C LYS A 51 28.74 -4.89 -8.01
N ASN A 52 28.22 -6.00 -8.50
CA ASN A 52 28.76 -6.65 -9.69
C ASN A 52 28.67 -5.78 -10.96
N PHE A 53 27.52 -5.12 -11.13
CA PHE A 53 27.33 -4.18 -12.25
C PHE A 53 28.29 -2.99 -12.17
N ILE A 54 28.33 -2.34 -11.01
CA ILE A 54 29.27 -1.25 -10.78
C ILE A 54 30.70 -1.68 -11.08
N VAL A 55 31.12 -2.86 -10.60
CA VAL A 55 32.46 -3.36 -10.87
C VAL A 55 32.68 -3.55 -12.37
N VAL A 56 31.65 -3.98 -13.09
CA VAL A 56 31.74 -4.15 -14.54
C VAL A 56 32.01 -2.80 -15.21
N GLU A 57 31.17 -1.81 -14.91
CA GLU A 57 31.32 -0.50 -15.54
C GLU A 57 32.62 0.18 -15.11
N PHE A 58 33.11 -0.18 -13.93
CA PHE A 58 34.35 0.36 -13.39
C PHE A 58 35.54 -0.20 -14.14
N GLU A 59 35.46 -1.49 -14.46
CA GLU A 59 36.45 -2.13 -15.32
C GLU A 59 36.40 -1.51 -16.71
N TRP A 60 35.20 -1.18 -17.17
CA TRP A 60 35.03 -0.48 -18.44
C TRP A 60 35.61 0.93 -18.36
N CYS A 61 35.24 1.66 -17.30
CA CYS A 61 35.71 3.02 -17.10
C CYS A 61 35.88 3.35 -15.62
N CYS A 70 34.86 8.36 -15.98
CA CYS A 70 35.61 7.53 -15.05
C CYS A 70 35.67 8.18 -13.67
N SER A 71 34.66 9.00 -13.37
CA SER A 71 34.61 9.71 -12.09
C SER A 71 33.29 9.51 -11.37
N ASN A 72 32.21 9.99 -11.99
CA ASN A 72 30.88 9.98 -11.37
C ASN A 72 30.40 8.61 -10.91
N ASN A 73 30.74 7.57 -11.68
CA ASN A 73 30.33 6.22 -11.37
C ASN A 73 30.84 5.76 -10.00
N THR A 74 32.15 5.87 -9.81
CA THR A 74 32.79 5.48 -8.56
C THR A 74 32.23 6.27 -7.39
N ILE A 75 31.99 7.56 -7.60
CA ILE A 75 31.45 8.43 -6.57
C ILE A 75 30.04 7.99 -6.15
N GLN A 76 29.14 7.88 -7.12
CA GLN A 76 27.77 7.48 -6.85
C GLN A 76 27.69 6.12 -6.19
N SER A 77 28.50 5.18 -6.69
CA SER A 77 28.53 3.84 -6.13
C SER A 77 29.03 3.82 -4.69
N SER A 78 30.16 4.47 -4.46
CA SER A 78 30.75 4.53 -3.13
C SER A 78 29.80 5.16 -2.12
N PHE A 79 29.18 6.27 -2.53
CA PHE A 79 28.20 6.94 -1.67
C PHE A 79 27.01 6.03 -1.37
N LEU A 80 26.53 5.32 -2.40
CA LEU A 80 25.40 4.42 -2.23
C LEU A 80 25.70 3.30 -1.23
N LEU A 81 26.78 2.57 -1.50
CA LEU A 81 27.16 1.43 -0.66
C LEU A 81 27.50 1.86 0.76
N ALA A 82 28.23 2.96 0.89
CA ALA A 82 28.58 3.47 2.22
C ALA A 82 27.32 3.87 3.00
N SER A 83 26.44 4.61 2.33
CA SER A 83 25.21 5.07 2.97
C SER A 83 24.29 3.93 3.39
N VAL A 84 24.16 2.93 2.53
CA VAL A 84 23.36 1.74 2.81
C VAL A 84 23.95 0.94 3.97
N PHE A 85 25.28 0.82 3.99
CA PHE A 85 25.96 0.02 5.00
C PHE A 85 25.90 0.68 6.38
N ILE A 86 26.24 1.96 6.45
CA ILE A 86 26.17 2.68 7.72
C ILE A 86 24.71 2.81 8.14
N GLY A 87 23.82 2.81 7.15
CA GLY A 87 22.39 2.81 7.41
C GLY A 87 21.98 1.49 8.02
N ALA A 88 22.64 0.41 7.58
CA ALA A 88 22.37 -0.91 8.13
C ALA A 88 22.84 -1.02 9.57
N VAL A 89 24.06 -0.57 9.84
CA VAL A 89 24.62 -0.60 11.19
C VAL A 89 23.84 0.28 12.16
N LEU A 90 23.69 1.55 11.81
CA LEU A 90 22.99 2.48 12.66
C LEU A 90 21.57 1.98 12.82
N GLY A 91 21.02 1.45 11.75
CA GLY A 91 19.68 0.89 11.78
C GLY A 91 19.57 -0.28 12.73
N CYS A 92 20.68 -1.00 12.92
CA CYS A 92 20.71 -2.12 13.85
C CYS A 92 20.77 -1.63 15.29
N GLY A 93 21.62 -0.65 15.56
CA GLY A 93 21.69 -0.08 16.89
C GLY A 93 20.38 0.57 17.28
N PHE A 94 19.84 1.36 16.35
CA PHE A 94 18.57 2.03 16.57
C PHE A 94 17.43 1.02 16.61
N SER A 95 17.65 -0.17 16.05
CA SER A 95 16.69 -1.26 16.19
C SER A 95 16.76 -1.80 17.60
N GLY A 96 17.96 -1.78 18.16
CA GLY A 96 18.16 -2.17 19.54
C GLY A 96 17.44 -1.23 20.48
N TYR A 97 17.50 0.06 20.18
CA TYR A 97 16.79 1.05 20.98
C TYR A 97 15.28 1.00 20.75
N LEU A 98 14.86 0.71 19.52
CA LEU A 98 13.46 0.73 19.13
C LEU A 98 12.70 -0.52 19.58
N VAL A 99 13.39 -1.66 19.61
CA VAL A 99 12.75 -2.92 19.95
C VAL A 99 12.26 -2.91 21.41
N GLN A 100 12.75 -1.95 22.18
CA GLN A 100 12.28 -1.76 23.55
C GLN A 100 10.85 -1.22 23.55
N PHE A 101 10.48 -0.50 22.48
CA PHE A 101 9.13 0.03 22.35
C PHE A 101 8.14 -1.06 21.93
N GLY A 102 8.50 -1.84 20.93
CA GLY A 102 7.74 -3.03 20.57
C GLY A 102 8.43 -3.87 19.52
N ARG A 103 8.17 -5.17 19.53
CA ARG A 103 8.72 -6.07 18.52
C ARG A 103 7.89 -6.06 17.23
N ARG A 104 6.57 -6.21 17.39
CA ARG A 104 5.66 -6.27 16.25
C ARG A 104 5.51 -4.89 15.65
N LEU A 105 5.49 -3.88 16.51
CA LEU A 105 5.49 -2.49 16.09
C LEU A 105 6.72 -2.20 15.27
N SER A 106 7.86 -2.74 15.71
CA SER A 106 9.11 -2.61 14.97
C SER A 106 8.99 -3.27 13.61
N LEU A 107 8.39 -4.46 13.56
CA LEU A 107 8.17 -5.16 12.31
C LEU A 107 7.32 -4.35 11.33
N LEU A 108 6.30 -3.68 11.85
CA LEU A 108 5.42 -2.86 11.02
C LEU A 108 6.15 -1.61 10.52
N ILE A 109 6.97 -1.02 11.39
CA ILE A 109 7.81 0.11 11.00
C ILE A 109 8.74 -0.31 9.86
N ILE A 110 9.28 -1.52 9.97
CA ILE A 110 10.10 -2.11 8.93
C ILE A 110 9.34 -2.20 7.62
N TYR A 111 8.16 -2.81 7.67
CA TYR A 111 7.32 -3.00 6.50
C TYR A 111 6.99 -1.68 5.80
N ASN A 112 6.59 -0.68 6.59
CA ASN A 112 6.29 0.64 6.04
C ASN A 112 7.52 1.30 5.42
N PHE A 113 8.65 1.19 6.11
CA PHE A 113 9.90 1.76 5.62
C PHE A 113 10.27 1.16 4.27
N PHE A 114 10.31 -0.15 4.19
CA PHE A 114 10.64 -0.84 2.94
C PHE A 114 9.63 -0.50 1.85
N PHE A 115 8.36 -0.37 2.24
CA PHE A 115 7.31 0.03 1.31
C PHE A 115 7.63 1.37 0.65
N LEU A 116 7.65 2.43 1.46
CA LEU A 116 7.89 3.78 1.00
C LEU A 116 9.21 3.89 0.23
N VAL A 117 10.27 3.32 0.79
CA VAL A 117 11.60 3.39 0.19
C VAL A 117 11.64 2.69 -1.16
N SER A 118 11.10 1.48 -1.23
CA SER A 118 11.09 0.73 -2.48
C SER A 118 10.28 1.45 -3.55
N ILE A 119 9.17 2.07 -3.14
CA ILE A 119 8.40 2.87 -4.08
C ILE A 119 9.21 4.05 -4.62
N LEU A 120 9.71 4.89 -3.70
CA LEU A 120 10.45 6.08 -4.08
C LEU A 120 11.69 5.78 -4.92
N THR A 121 12.28 4.60 -4.69
CA THR A 121 13.45 4.17 -5.44
C THR A 121 13.04 3.65 -6.81
N SER A 122 11.91 2.96 -6.86
CA SER A 122 11.42 2.38 -8.11
C SER A 122 10.92 3.46 -9.07
N ILE A 123 10.47 4.57 -8.52
CA ILE A 123 10.06 5.71 -9.35
C ILE A 123 11.23 6.20 -10.21
N THR A 124 12.36 6.43 -9.54
CA THR A 124 13.61 6.83 -10.19
C THR A 124 13.47 8.14 -10.98
N HIS A 125 12.48 8.95 -10.62
CA HIS A 125 12.33 10.28 -11.20
C HIS A 125 13.25 11.29 -10.51
N HIS A 126 13.37 11.15 -9.20
CA HIS A 126 14.14 12.09 -8.39
C HIS A 126 15.61 11.66 -8.35
N PHE A 127 16.51 12.62 -8.58
CA PHE A 127 17.93 12.31 -8.67
C PHE A 127 18.65 12.25 -7.33
N HIS A 128 18.32 13.15 -6.42
CA HIS A 128 19.04 13.26 -5.15
C HIS A 128 18.32 12.54 -4.03
N THR A 129 17.11 12.05 -4.31
CA THR A 129 16.31 11.35 -3.30
C THR A 129 16.78 9.90 -3.15
N ILE A 130 17.38 9.37 -4.21
CA ILE A 130 17.81 7.97 -4.23
C ILE A 130 18.84 7.66 -3.13
N LEU A 131 19.66 8.65 -2.79
CA LEU A 131 20.68 8.47 -1.76
C LEU A 131 20.03 8.23 -0.40
N PHE A 132 19.14 9.14 -0.02
CA PHE A 132 18.39 9.01 1.23
C PHE A 132 17.53 7.75 1.20
N ALA A 133 17.12 7.35 0.00
CA ALA A 133 16.36 6.11 -0.18
C ALA A 133 17.21 4.90 0.20
N ARG A 134 18.46 4.88 -0.26
CA ARG A 134 19.38 3.80 0.09
C ARG A 134 19.67 3.81 1.58
N LEU A 135 19.80 5.02 2.13
CA LEU A 135 20.05 5.19 3.56
C LEU A 135 18.93 4.56 4.40
N LEU A 136 17.70 5.01 4.15
CA LEU A 136 16.53 4.51 4.88
C LEU A 136 16.32 3.02 4.62
N SER A 137 16.67 2.57 3.42
CA SER A 137 16.60 1.16 3.08
C SER A 137 17.52 0.35 3.98
N GLY A 138 18.76 0.82 4.12
CA GLY A 138 19.72 0.20 5.02
C GLY A 138 19.21 0.19 6.44
N PHE A 139 18.62 1.31 6.86
CA PHE A 139 18.01 1.41 8.18
C PHE A 139 17.01 0.28 8.40
N GLY A 140 16.08 0.14 7.47
CA GLY A 140 15.09 -0.91 7.51
C GLY A 140 15.71 -2.31 7.54
N ILE A 141 16.81 -2.47 6.81
CA ILE A 141 17.52 -3.74 6.77
C ILE A 141 18.07 -4.12 8.14
N GLY A 142 18.75 -3.17 8.78
CA GLY A 142 19.25 -3.37 10.13
C GLY A 142 18.12 -3.67 11.09
N LEU A 143 17.03 -2.93 10.95
CA LEU A 143 15.82 -3.15 11.73
C LEU A 143 15.36 -4.60 11.62
N VAL A 144 15.33 -5.12 10.39
CA VAL A 144 15.02 -6.53 10.15
C VAL A 144 15.97 -7.42 10.94
N THR A 145 17.26 -7.20 10.71
CA THR A 145 18.33 -8.01 11.30
C THR A 145 18.17 -8.18 12.80
N VAL A 146 17.93 -7.08 13.51
CA VAL A 146 17.77 -7.16 14.96
C VAL A 146 16.40 -7.70 15.37
N SER A 147 15.34 -7.20 14.73
CA SER A 147 13.98 -7.49 15.17
C SER A 147 13.53 -8.93 14.96
N VAL A 148 13.73 -9.47 13.76
CA VAL A 148 13.14 -10.77 13.39
C VAL A 148 13.45 -11.94 14.34
N PRO A 149 14.74 -12.21 14.64
CA PRO A 149 15.01 -13.42 15.42
C PRO A 149 14.46 -13.37 16.84
N MET A 150 14.39 -12.19 17.43
CA MET A 150 13.82 -12.02 18.75
C MET A 150 12.32 -12.32 18.73
N TYR A 151 11.63 -11.73 17.75
CA TYR A 151 10.20 -11.93 17.58
C TYR A 151 9.87 -13.40 17.39
N ILE A 152 10.65 -14.08 16.56
CA ILE A 152 10.43 -15.51 16.32
C ILE A 152 10.71 -16.33 17.58
N SER A 153 11.80 -16.00 18.26
CA SER A 153 12.21 -16.74 19.44
C SER A 153 11.20 -16.64 20.58
N GLU A 154 10.60 -15.46 20.75
CA GLU A 154 9.69 -15.24 21.86
C GLU A 154 8.23 -15.65 21.57
N MET A 155 7.92 -15.88 20.30
CA MET A 155 6.54 -16.21 19.90
C MET A 155 6.28 -17.71 19.77
N THR A 156 7.30 -18.52 20.01
CA THR A 156 7.17 -19.96 19.76
C THR A 156 7.46 -20.80 21.00
N HIS A 157 7.39 -22.12 20.83
CA HIS A 157 7.66 -23.06 21.92
C HIS A 157 9.12 -22.99 22.32
N LYS A 158 9.41 -23.34 23.58
CA LYS A 158 10.76 -23.26 24.12
C LYS A 158 11.73 -24.20 23.41
N ASP A 159 11.26 -25.41 23.11
CA ASP A 159 12.09 -26.42 22.48
C ASP A 159 12.22 -26.22 20.97
N LYS A 160 11.14 -25.82 20.32
CA LYS A 160 11.07 -25.79 18.87
C LYS A 160 11.40 -24.42 18.26
N LYS A 161 11.78 -23.46 19.09
CA LYS A 161 12.11 -22.11 18.62
C LYS A 161 13.24 -22.12 17.59
N GLY A 162 14.20 -23.02 17.80
CA GLY A 162 15.33 -23.17 16.90
C GLY A 162 14.89 -23.44 15.48
N ALA A 163 14.08 -24.47 15.29
CA ALA A 163 13.58 -24.85 13.97
C ALA A 163 12.96 -23.67 13.23
N TYR A 164 12.23 -22.84 13.97
CA TYR A 164 11.57 -21.68 13.40
C TYR A 164 12.57 -20.57 13.04
N GLY A 165 13.63 -20.45 13.83
CA GLY A 165 14.73 -19.57 13.47
C GLY A 165 15.35 -20.02 12.17
N VAL A 166 15.47 -21.34 12.02
CA VAL A 166 15.97 -21.93 10.80
C VAL A 166 15.01 -21.64 9.65
N MET A 167 13.73 -21.53 9.96
CA MET A 167 12.75 -21.13 8.94
C MET A 167 13.01 -19.68 8.51
N HIS A 168 13.35 -18.84 9.48
CA HIS A 168 13.73 -17.46 9.19
C HIS A 168 14.89 -17.39 8.20
N GLN A 169 15.99 -18.08 8.54
CA GLN A 169 17.14 -18.13 7.64
C GLN A 169 16.76 -18.73 6.30
N LEU A 170 15.85 -19.70 6.34
CA LEU A 170 15.39 -20.42 5.16
C LEU A 170 14.69 -19.47 4.19
N PHE A 171 13.88 -18.56 4.71
CA PHE A 171 13.19 -17.60 3.87
C PHE A 171 14.10 -16.43 3.48
N ILE A 172 15.17 -16.23 4.24
CA ILE A 172 16.22 -15.32 3.78
C ILE A 172 16.82 -15.87 2.49
N THR A 173 17.30 -17.10 2.56
CA THR A 173 17.90 -17.78 1.40
C THR A 173 16.89 -17.89 0.25
N PHE A 174 15.63 -18.14 0.61
CA PHE A 174 14.57 -18.25 -0.38
C PHE A 174 14.35 -16.90 -1.07
N GLY A 175 14.47 -15.83 -0.30
CA GLY A 175 14.36 -14.49 -0.85
C GLY A 175 15.47 -14.21 -1.83
N ILE A 176 16.70 -14.53 -1.43
CA ILE A 176 17.86 -14.36 -2.30
C ILE A 176 17.69 -15.14 -3.60
N PHE A 177 17.29 -16.41 -3.49
CA PHE A 177 17.11 -17.27 -4.64
C PHE A 177 16.02 -16.73 -5.58
N VAL A 178 14.90 -16.33 -5.00
CA VAL A 178 13.80 -15.78 -5.77
C VAL A 178 14.24 -14.52 -6.53
N ALA A 179 15.00 -13.66 -5.86
CA ALA A 179 15.53 -12.46 -6.50
C ALA A 179 16.44 -12.81 -7.67
N VAL A 180 17.42 -13.68 -7.41
CA VAL A 180 18.36 -14.12 -8.44
C VAL A 180 17.64 -14.69 -9.67
N MET A 181 16.69 -15.57 -9.43
CA MET A 181 15.98 -16.21 -10.53
C MET A 181 15.05 -15.23 -11.24
N LEU A 182 14.58 -14.22 -10.50
CA LEU A 182 13.77 -13.16 -11.08
C LEU A 182 14.62 -12.26 -11.97
N GLY A 183 15.93 -12.26 -11.71
CA GLY A 183 16.86 -11.53 -12.54
C GLY A 183 16.82 -11.97 -14.00
N LEU A 184 16.81 -13.28 -14.20
CA LEU A 184 16.78 -13.88 -15.53
C LEU A 184 17.90 -13.35 -16.43
N SER A 200 17.21 -0.16 -22.91
CA SER A 200 16.57 0.72 -21.94
C SER A 200 15.28 0.12 -21.40
N PHE A 201 14.81 -0.94 -22.06
CA PHE A 201 13.60 -1.63 -21.65
C PHE A 201 13.89 -2.55 -20.46
N ALA A 202 15.02 -3.24 -20.54
CA ALA A 202 15.46 -4.12 -19.46
C ALA A 202 15.78 -3.31 -18.20
N LYS A 203 16.08 -2.03 -18.39
CA LYS A 203 16.30 -1.13 -17.27
C LYS A 203 14.99 -0.80 -16.59
N LEU A 204 13.92 -0.74 -17.38
CA LEU A 204 12.58 -0.56 -16.83
C LEU A 204 12.17 -1.83 -16.10
N TRP A 205 12.60 -2.98 -16.63
CA TRP A 205 12.43 -4.25 -15.94
C TRP A 205 13.16 -4.24 -14.60
N TRP A 206 14.31 -3.59 -14.59
CA TRP A 206 15.11 -3.43 -13.38
C TRP A 206 14.37 -2.53 -12.38
N ARG A 207 13.69 -1.53 -12.92
CA ARG A 207 12.85 -0.65 -12.10
C ARG A 207 11.69 -1.44 -11.49
N LEU A 208 11.18 -2.40 -12.24
CA LEU A 208 10.14 -3.30 -11.74
C LEU A 208 10.71 -4.15 -10.61
N MET A 209 11.94 -4.61 -10.79
CA MET A 209 12.67 -5.33 -9.76
C MET A 209 12.76 -4.47 -8.50
N PHE A 210 12.91 -3.17 -8.68
CA PHE A 210 12.89 -2.25 -7.55
C PHE A 210 11.49 -2.07 -6.98
N LEU A 211 10.47 -2.31 -7.81
CA LEU A 211 9.08 -2.10 -7.42
C LEU A 211 8.51 -3.24 -6.57
N PHE A 212 8.93 -4.47 -6.88
CA PHE A 212 8.42 -5.67 -6.20
C PHE A 212 8.40 -5.64 -4.65
N PRO A 213 9.46 -5.10 -4.00
CA PRO A 213 9.41 -5.06 -2.53
C PRO A 213 8.24 -4.27 -1.95
N SER A 214 7.68 -3.35 -2.71
CA SER A 214 6.50 -2.61 -2.27
C SER A 214 5.32 -3.56 -2.15
N VAL A 215 5.15 -4.41 -3.17
CA VAL A 215 4.11 -5.41 -3.18
C VAL A 215 4.29 -6.40 -2.04
N ILE A 216 5.51 -6.94 -1.92
CA ILE A 216 5.80 -7.90 -0.85
C ILE A 216 5.53 -7.31 0.54
N SER A 217 6.02 -6.09 0.76
CA SER A 217 5.84 -5.43 2.03
C SER A 217 4.36 -5.23 2.29
N LEU A 218 3.63 -4.88 1.25
CA LEU A 218 2.18 -4.67 1.37
C LEU A 218 1.50 -5.96 1.82
N ILE A 219 1.91 -7.08 1.23
CA ILE A 219 1.40 -8.39 1.64
C ILE A 219 1.70 -8.64 3.11
N GLY A 220 2.93 -8.31 3.52
CA GLY A 220 3.33 -8.45 4.90
C GLY A 220 2.47 -7.65 5.85
N ILE A 221 2.29 -6.37 5.55
CA ILE A 221 1.44 -5.48 6.34
C ILE A 221 0.02 -6.02 6.45
N LEU A 222 -0.56 -6.37 5.31
CA LEU A 222 -1.92 -6.89 5.26
C LEU A 222 -2.07 -8.12 6.13
N ALA A 223 -1.27 -9.15 5.85
CA ALA A 223 -1.36 -10.42 6.59
C ALA A 223 -1.16 -10.21 8.09
N LEU A 224 -0.09 -9.50 8.45
CA LEU A 224 0.24 -9.28 9.85
C LEU A 224 -0.87 -8.54 10.58
N VAL A 225 -1.23 -7.36 10.08
CA VAL A 225 -2.23 -6.52 10.74
C VAL A 225 -3.60 -7.21 10.83
N VAL A 226 -4.04 -7.81 9.72
CA VAL A 226 -5.34 -8.47 9.71
C VAL A 226 -5.38 -9.69 10.63
N PHE A 227 -4.45 -10.61 10.44
CA PHE A 227 -4.50 -11.88 11.16
C PHE A 227 -4.05 -11.80 12.62
N PHE A 228 -2.93 -11.15 12.87
CA PHE A 228 -2.39 -11.11 14.23
C PHE A 228 -2.09 -9.70 14.73
N LYS A 229 -2.87 -9.23 15.70
CA LYS A 229 -2.67 -7.93 16.31
C LYS A 229 -1.89 -8.04 17.63
N GLU A 230 -1.57 -9.27 18.01
CA GLU A 230 -0.96 -9.52 19.31
C GLU A 230 0.56 -9.41 19.31
N GLU A 231 1.09 -8.73 20.33
CA GLU A 231 2.53 -8.63 20.52
C GLU A 231 3.04 -9.91 21.20
N THR A 232 4.34 -9.99 21.44
CA THR A 232 4.93 -11.13 22.12
C THR A 232 4.47 -11.19 23.58
N PRO A 233 4.24 -12.42 24.10
CA PRO A 233 3.83 -12.61 25.49
C PRO A 233 4.84 -12.03 26.46
N TYR A 234 6.12 -12.18 26.13
CA TYR A 234 7.22 -11.66 26.93
C TYR A 234 7.07 -10.16 27.16
N PHE A 235 6.94 -9.41 26.07
CA PHE A 235 6.84 -7.97 26.16
C PHE A 235 5.53 -7.51 26.78
N LEU A 236 4.48 -8.30 26.57
CA LEU A 236 3.19 -8.01 27.20
C LEU A 236 3.30 -8.11 28.71
N PHE A 237 4.00 -9.13 29.18
CA PHE A 237 4.23 -9.31 30.61
C PHE A 237 5.25 -8.31 31.12
N GLU A 238 6.06 -7.76 30.21
CA GLU A 238 7.09 -6.80 30.57
C GLU A 238 6.50 -5.45 30.97
N LYS A 239 5.49 -5.00 30.22
CA LYS A 239 4.84 -3.73 30.49
C LYS A 239 3.95 -3.79 31.72
N GLY A 240 3.74 -5.00 32.23
CA GLY A 240 2.92 -5.19 33.42
C GLY A 240 1.55 -5.77 33.12
N ARG A 241 1.29 -6.09 31.85
CA ARG A 241 -0.01 -6.65 31.47
C ARG A 241 0.06 -8.18 31.48
N ILE A 242 -0.60 -8.77 32.46
CA ILE A 242 -0.55 -10.23 32.66
C ILE A 242 -1.52 -11.00 31.78
N GLU A 243 -2.75 -10.51 31.68
CA GLU A 243 -3.84 -11.28 31.08
C GLU A 243 -3.75 -11.38 29.56
N GLU A 244 -3.25 -10.33 28.92
CA GLU A 244 -3.06 -10.38 27.47
C GLU A 244 -1.94 -11.34 27.12
N SER A 245 -0.87 -11.30 27.90
CA SER A 245 0.25 -12.22 27.74
C SER A 245 -0.21 -13.65 27.93
N LYS A 246 -1.03 -13.87 28.95
CA LYS A 246 -1.58 -15.20 29.22
C LYS A 246 -2.48 -15.64 28.07
N ASN A 247 -3.21 -14.69 27.50
CA ASN A 247 -4.11 -14.98 26.38
C ASN A 247 -3.35 -15.43 25.13
N ILE A 248 -2.40 -14.61 24.70
CA ILE A 248 -1.61 -14.94 23.52
C ILE A 248 -0.77 -16.19 23.75
N LEU A 249 -0.36 -16.42 24.99
CA LEU A 249 0.38 -17.63 25.33
C LEU A 249 -0.53 -18.85 25.22
N LYS A 250 -1.80 -18.68 25.61
CA LYS A 250 -2.80 -19.72 25.45
C LYS A 250 -3.04 -20.00 23.97
N LYS A 251 -2.95 -18.95 23.16
CA LYS A 251 -3.13 -19.08 21.72
C LYS A 251 -1.97 -19.85 21.09
N ILE A 252 -0.75 -19.56 21.54
CA ILE A 252 0.44 -20.20 21.01
C ILE A 252 0.55 -21.66 21.43
N TYR A 253 0.45 -21.90 22.74
CA TYR A 253 0.60 -23.25 23.28
C TYR A 253 -0.64 -24.11 23.05
N GLU A 254 -1.74 -23.47 22.65
CA GLU A 254 -3.00 -24.15 22.37
C GLU A 254 -3.49 -24.97 23.57
N THR A 255 -3.18 -24.47 24.77
CA THR A 255 -3.56 -25.14 26.00
C THR A 255 -3.96 -24.13 27.06
N ASP A 256 -5.00 -24.45 27.84
CA ASP A 256 -5.47 -23.56 28.89
C ASP A 256 -4.46 -23.42 30.02
N ASN A 257 -3.52 -24.35 30.11
CA ASN A 257 -2.47 -24.25 31.11
C ASN A 257 -1.21 -23.59 30.55
N VAL A 258 -0.97 -22.36 30.99
CA VAL A 258 0.22 -21.59 30.63
C VAL A 258 1.28 -21.66 31.72
N ASP A 259 1.03 -22.48 32.73
CA ASP A 259 1.74 -22.44 34.02
C ASP A 259 3.26 -22.29 33.93
N GLU A 260 3.95 -23.30 33.41
CA GLU A 260 5.42 -23.26 33.36
C GLU A 260 5.99 -22.14 32.47
N PRO A 261 5.46 -21.96 31.24
CA PRO A 261 5.96 -20.83 30.45
C PRO A 261 5.70 -19.48 31.12
N LEU A 262 4.52 -19.31 31.72
CA LEU A 262 4.19 -18.08 32.42
C LEU A 262 5.13 -17.86 33.60
N ASN A 263 5.55 -18.95 34.24
CA ASN A 263 6.50 -18.87 35.34
C ASN A 263 7.89 -18.46 34.87
N ALA A 264 8.29 -18.98 33.70
CA ALA A 264 9.57 -18.62 33.12
C ALA A 264 9.59 -17.14 32.75
N ILE A 265 8.56 -16.69 32.04
CA ILE A 265 8.42 -15.29 31.67
C ILE A 265 8.37 -14.41 32.91
N LYS A 266 7.71 -14.89 33.96
CA LYS A 266 7.64 -14.18 35.23
C LYS A 266 9.03 -14.01 35.84
N GLU A 267 9.82 -15.08 35.80
CA GLU A 267 11.19 -15.05 36.30
C GLU A 267 12.01 -14.03 35.49
N ALA A 268 11.76 -13.98 34.19
CA ALA A 268 12.43 -13.03 33.32
C ALA A 268 12.09 -11.58 33.70
N VAL A 269 10.81 -11.31 33.86
CA VAL A 269 10.34 -9.97 34.22
C VAL A 269 10.89 -9.53 35.59
N GLU A 270 10.85 -10.45 36.55
CA GLU A 270 11.40 -10.20 37.88
C GLU A 270 12.89 -9.92 37.80
N GLN A 271 13.57 -10.62 36.89
CA GLN A 271 15.00 -10.39 36.66
C GLN A 271 15.23 -8.98 36.11
N ASN A 272 14.32 -8.54 35.24
CA ASN A 272 14.39 -7.19 34.67
C ASN A 272 14.17 -6.12 35.73
N GLU A 273 13.20 -6.34 36.62
CA GLU A 273 12.91 -5.41 37.70
C GLU A 273 14.08 -5.34 38.67
N SER A 274 14.67 -6.50 38.95
CA SER A 274 15.84 -6.57 39.82
C SER A 274 17.03 -5.85 39.17
N ALA A 275 17.07 -5.90 37.84
CA ALA A 275 18.11 -5.19 37.09
C ALA A 275 17.86 -3.69 37.15
N LYS A 276 16.59 -3.30 37.26
CA LYS A 276 16.21 -1.91 37.39
C LYS A 276 16.51 -1.40 38.79
N LYS A 277 16.51 -2.32 39.75
CA LYS A 277 16.81 -1.97 41.14
C LYS A 277 18.29 -1.64 41.32
N ASN A 278 19.15 -2.43 40.70
CA ASN A 278 20.60 -2.24 40.79
C ASN A 278 21.11 -1.28 39.72
N SER A 279 20.19 -0.76 38.90
CA SER A 279 20.53 0.15 37.81
C SER A 279 21.53 -0.48 36.85
N LEU A 280 21.22 -1.68 36.38
CA LEU A 280 22.10 -2.41 35.47
C LEU A 280 21.91 -1.95 34.03
N SER A 281 23.01 -1.62 33.37
CA SER A 281 22.98 -1.18 31.98
C SER A 281 24.05 -1.89 31.17
N LEU A 282 24.19 -1.50 29.90
CA LEU A 282 25.18 -2.10 29.02
C LEU A 282 26.60 -1.79 29.51
N LEU A 283 26.85 -0.52 29.83
CA LEU A 283 28.15 -0.11 30.34
C LEU A 283 28.40 -0.72 31.71
N SER A 284 27.32 -0.89 32.47
CA SER A 284 27.40 -1.53 33.78
C SER A 284 27.66 -3.02 33.62
N ALA A 285 27.23 -3.57 32.49
CA ALA A 285 27.47 -4.98 32.19
C ALA A 285 28.93 -5.18 31.77
N LEU A 286 29.55 -4.11 31.28
CA LEU A 286 30.96 -4.17 30.89
C LEU A 286 31.87 -4.20 32.11
N LYS A 287 31.33 -3.78 33.26
CA LYS A 287 32.12 -3.73 34.48
C LYS A 287 32.03 -5.02 35.30
N ILE A 288 31.13 -5.91 34.88
CA ILE A 288 30.97 -7.20 35.57
C ILE A 288 31.45 -8.34 34.68
N PRO A 289 32.43 -9.11 35.17
CA PRO A 289 33.13 -10.16 34.43
C PRO A 289 32.23 -11.15 33.68
N SER A 290 31.14 -11.59 34.30
CA SER A 290 30.25 -12.57 33.67
C SER A 290 29.53 -11.99 32.45
N TYR A 291 28.95 -10.81 32.64
CA TYR A 291 28.22 -10.11 31.58
C TYR A 291 29.13 -9.83 30.39
N ARG A 292 30.31 -9.28 30.65
CA ARG A 292 31.25 -9.00 29.57
C ARG A 292 31.75 -10.30 28.95
N TYR A 293 31.78 -11.37 29.74
CA TYR A 293 32.18 -12.68 29.25
C TYR A 293 31.20 -13.17 28.17
N VAL A 294 29.92 -13.26 28.53
CA VAL A 294 28.92 -13.75 27.59
C VAL A 294 28.75 -12.80 26.41
N ILE A 295 28.84 -11.49 26.66
CA ILE A 295 28.74 -10.50 25.60
C ILE A 295 29.87 -10.66 24.58
N ILE A 296 31.10 -10.75 25.08
CA ILE A 296 32.26 -10.96 24.23
C ILE A 296 32.12 -12.26 23.44
N LEU A 297 31.64 -13.31 24.10
CA LEU A 297 31.40 -14.58 23.44
C LEU A 297 30.45 -14.44 22.26
N GLY A 298 29.32 -13.76 22.49
CA GLY A 298 28.34 -13.54 21.44
C GLY A 298 28.88 -12.73 20.27
N CYS A 299 29.47 -11.58 20.60
CA CYS A 299 30.03 -10.68 19.59
C CYS A 299 31.08 -11.37 18.73
N LEU A 300 32.00 -12.08 19.38
CA LEU A 300 33.04 -12.81 18.67
C LEU A 300 32.46 -13.96 17.85
N LEU A 301 31.38 -14.55 18.34
CA LEU A 301 30.72 -15.63 17.62
C LEU A 301 30.14 -15.12 16.31
N SER A 302 29.42 -14.01 16.38
CA SER A 302 28.83 -13.40 15.19
C SER A 302 29.92 -12.92 14.23
N GLY A 303 30.96 -12.31 14.79
CA GLY A 303 32.09 -11.84 14.01
C GLY A 303 32.78 -12.97 13.27
N LEU A 304 32.84 -14.14 13.92
CA LEU A 304 33.44 -15.31 13.29
C LEU A 304 32.49 -15.91 12.25
N GLN A 305 31.20 -15.70 12.43
CA GLN A 305 30.24 -16.11 11.42
C GLN A 305 30.40 -15.28 10.16
N GLN A 306 30.70 -14.00 10.34
CA GLN A 306 30.93 -13.12 9.20
C GLN A 306 32.30 -13.37 8.58
N PHE A 307 33.28 -13.68 9.41
CA PHE A 307 34.65 -13.93 8.93
C PHE A 307 34.67 -15.03 7.87
N THR A 308 33.70 -15.92 7.92
CA THR A 308 33.62 -17.02 6.97
C THR A 308 33.67 -16.48 5.54
N GLY A 309 33.08 -15.30 5.35
CA GLY A 309 33.09 -14.64 4.05
C GLY A 309 32.32 -15.42 3.01
N ILE A 310 31.04 -15.67 3.28
CA ILE A 310 30.24 -16.54 2.42
C ILE A 310 29.85 -15.88 1.09
N ASN A 311 29.00 -14.85 1.16
CA ASN A 311 28.50 -14.22 -0.05
C ASN A 311 29.63 -13.62 -0.85
N VAL A 312 30.59 -13.04 -0.14
CA VAL A 312 31.74 -12.40 -0.76
C VAL A 312 32.54 -13.41 -1.57
N LEU A 313 32.78 -14.58 -0.97
CA LEU A 313 33.49 -15.64 -1.67
C LEU A 313 32.68 -16.10 -2.88
N VAL A 314 31.36 -16.24 -2.69
CA VAL A 314 30.49 -16.65 -3.77
C VAL A 314 30.60 -15.70 -4.97
N SER A 315 30.32 -14.42 -4.73
CA SER A 315 30.38 -13.38 -5.79
C SER A 315 31.76 -13.08 -6.41
N ASN A 316 32.80 -12.97 -5.58
CA ASN A 316 34.16 -12.79 -6.06
C ASN A 316 34.69 -13.98 -6.84
N SER A 317 34.51 -15.19 -6.31
CA SER A 317 35.00 -16.39 -6.98
C SER A 317 34.16 -16.74 -8.20
N ASN A 318 32.93 -16.25 -8.23
CA ASN A 318 32.05 -16.43 -9.39
C ASN A 318 32.61 -15.75 -10.63
N GLU A 319 33.14 -14.54 -10.45
CA GLU A 319 33.79 -13.80 -11.51
C GLU A 319 35.33 -13.92 -11.50
N LEU A 320 35.87 -14.66 -10.53
CA LEU A 320 37.32 -14.76 -10.40
C LEU A 320 37.90 -15.67 -11.47
N TYR A 321 37.61 -16.96 -11.40
CA TYR A 321 38.06 -17.87 -12.44
C TYR A 321 36.92 -18.21 -13.39
N LYS A 322 36.97 -17.63 -14.58
CA LYS A 322 36.04 -17.97 -15.64
C LYS A 322 36.51 -19.20 -16.41
N GLU A 323 37.83 -19.32 -16.55
CA GLU A 323 38.45 -20.37 -17.37
C GLU A 323 37.91 -20.32 -18.79
N PHE A 324 37.60 -19.10 -19.26
CA PHE A 324 37.04 -18.87 -20.58
C PHE A 324 35.73 -19.64 -20.80
N LEU A 325 35.03 -19.94 -19.71
CA LEU A 325 33.72 -20.59 -19.82
C LEU A 325 32.68 -19.54 -20.17
N ASP A 326 31.60 -20.00 -20.79
CA ASP A 326 30.52 -19.11 -21.21
C ASP A 326 29.95 -18.35 -20.01
N SER A 327 29.55 -17.11 -20.23
CA SER A 327 28.96 -16.28 -19.18
C SER A 327 27.67 -16.93 -18.66
N HIS A 328 27.00 -17.64 -19.56
CA HIS A 328 25.80 -18.39 -19.20
C HIS A 328 26.15 -19.45 -18.15
N LEU A 329 27.30 -20.09 -18.31
CA LEU A 329 27.76 -21.09 -17.36
C LEU A 329 28.06 -20.46 -15.99
N ILE A 330 28.53 -19.22 -16.02
CA ILE A 330 28.81 -18.47 -14.80
C ILE A 330 27.49 -18.17 -14.06
N THR A 331 26.52 -17.67 -14.82
CA THR A 331 25.19 -17.40 -14.28
C THR A 331 24.58 -18.66 -13.69
N ILE A 332 24.74 -19.77 -14.41
CA ILE A 332 24.28 -21.08 -13.94
C ILE A 332 24.96 -21.45 -12.64
N LEU A 333 26.26 -21.19 -12.55
CA LEU A 333 27.03 -21.44 -11.33
C LEU A 333 26.43 -20.68 -10.16
N SER A 334 26.14 -19.39 -10.36
CA SER A 334 25.53 -18.57 -9.31
C SER A 334 24.14 -19.06 -8.90
N VAL A 335 23.33 -19.45 -9.88
CA VAL A 335 21.99 -19.98 -9.64
C VAL A 335 22.03 -21.27 -8.82
N VAL A 336 22.84 -22.23 -9.26
CA VAL A 336 22.92 -23.51 -8.57
C VAL A 336 23.58 -23.35 -7.21
N MET A 337 24.39 -22.31 -7.03
CA MET A 337 24.95 -22.02 -5.72
C MET A 337 23.86 -21.55 -4.76
N THR A 338 22.97 -20.68 -5.24
CA THR A 338 21.86 -20.21 -4.42
C THR A 338 20.88 -21.35 -4.09
N ALA A 339 20.54 -22.13 -5.12
CA ALA A 339 19.68 -23.29 -4.94
C ALA A 339 20.29 -24.25 -3.93
N VAL A 340 21.61 -24.41 -4.01
CA VAL A 340 22.36 -25.21 -3.04
C VAL A 340 22.19 -24.62 -1.64
N ASN A 341 22.25 -23.30 -1.54
CA ASN A 341 22.06 -22.63 -0.25
C ASN A 341 20.71 -22.97 0.39
N PHE A 342 19.64 -22.83 -0.39
CA PHE A 342 18.29 -23.14 0.08
C PHE A 342 18.10 -24.63 0.46
N LEU A 343 18.39 -25.48 -0.52
CA LEU A 343 18.23 -26.93 -0.38
C LEU A 343 19.09 -27.49 0.73
N MET A 344 20.16 -26.77 1.09
CA MET A 344 20.95 -27.11 2.26
C MET A 344 20.43 -26.39 3.50
N THR A 345 19.59 -25.40 3.28
CA THR A 345 18.98 -24.64 4.36
C THR A 345 17.96 -25.50 5.09
N PHE A 346 17.26 -26.35 4.34
CA PHE A 346 16.28 -27.26 4.97
C PHE A 346 16.89 -28.31 5.95
N PRO A 347 17.96 -29.02 5.53
CA PRO A 347 18.58 -29.95 6.49
C PRO A 347 19.09 -29.25 7.74
N ALA A 348 19.22 -27.93 7.67
CA ALA A 348 19.55 -27.14 8.86
C ALA A 348 18.42 -27.26 9.87
N ILE A 349 17.18 -27.16 9.40
CA ILE A 349 16.04 -27.31 10.30
C ILE A 349 16.00 -28.75 10.77
N TYR A 350 16.42 -29.67 9.90
CA TYR A 350 16.45 -31.08 10.29
C TYR A 350 17.39 -31.33 11.47
N ILE A 351 18.64 -30.95 11.32
CA ILE A 351 19.67 -31.20 12.32
C ILE A 351 19.45 -30.37 13.59
N VAL A 352 19.08 -29.11 13.43
CA VAL A 352 18.74 -28.26 14.57
C VAL A 352 17.61 -28.89 15.37
N GLU A 353 16.64 -29.46 14.66
CA GLU A 353 15.57 -30.19 15.33
C GLU A 353 16.11 -31.42 16.07
N LYS A 354 17.05 -32.12 15.45
CA LYS A 354 17.55 -33.37 16.02
C LYS A 354 18.77 -33.19 16.94
N LEU A 355 19.93 -32.93 16.34
CA LEU A 355 21.20 -32.98 17.07
C LEU A 355 21.36 -31.96 18.19
N GLY A 356 21.29 -30.69 17.84
CA GLY A 356 21.56 -29.64 18.81
C GLY A 356 22.10 -28.36 18.18
N ARG A 357 22.82 -27.58 18.98
CA ARG A 357 23.35 -26.30 18.54
C ARG A 357 24.84 -26.37 18.19
N LYS A 358 25.66 -26.64 19.20
CA LYS A 358 27.11 -26.56 19.08
C LYS A 358 27.71 -27.63 18.15
N THR A 359 27.18 -28.85 18.24
CA THR A 359 27.68 -29.96 17.43
C THR A 359 27.59 -29.65 15.94
N LEU A 360 26.45 -29.13 15.53
CA LEU A 360 26.23 -28.74 14.14
C LEU A 360 27.23 -27.67 13.72
N LEU A 361 27.54 -26.75 14.62
CA LEU A 361 28.54 -25.73 14.37
C LEU A 361 29.91 -26.37 14.15
N LEU A 362 30.22 -27.39 14.94
CA LEU A 362 31.49 -28.10 14.81
C LEU A 362 31.59 -28.79 13.44
N TRP A 363 30.52 -29.49 13.05
CA TRP A 363 30.48 -30.15 11.75
C TRP A 363 30.62 -29.15 10.60
N GLY A 364 29.98 -27.99 10.76
CA GLY A 364 30.08 -26.94 9.77
C GLY A 364 31.49 -26.41 9.64
N CYS A 365 32.14 -26.20 10.78
CA CYS A 365 33.53 -25.76 10.80
C CYS A 365 34.43 -26.80 10.15
N VAL A 366 34.09 -28.07 10.33
CA VAL A 366 34.79 -29.16 9.66
C VAL A 366 34.66 -29.01 8.15
N GLY A 367 33.43 -28.79 7.69
CA GLY A 367 33.17 -28.59 6.27
C GLY A 367 33.96 -27.43 5.68
N VAL A 368 33.90 -26.29 6.35
CA VAL A 368 34.59 -25.09 5.89
C VAL A 368 36.11 -25.29 5.88
N LEU A 369 36.63 -25.98 6.89
CA LEU A 369 38.05 -26.28 6.96
C LEU A 369 38.49 -27.15 5.79
N VAL A 370 37.81 -28.29 5.64
CA VAL A 370 38.10 -29.24 4.57
C VAL A 370 37.96 -28.60 3.19
N ALA A 371 37.09 -27.60 3.10
CA ALA A 371 36.90 -26.88 1.85
C ALA A 371 38.04 -25.90 1.58
N TYR A 372 38.41 -25.13 2.59
CA TYR A 372 39.36 -24.02 2.42
C TYR A 372 40.83 -24.42 2.39
N LEU A 373 41.21 -25.46 3.15
CA LEU A 373 42.62 -25.81 3.25
C LEU A 373 43.24 -26.26 1.91
N PRO A 374 42.63 -27.23 1.20
CA PRO A 374 43.22 -27.59 -0.10
C PRO A 374 43.09 -26.46 -1.11
N THR A 375 42.09 -25.61 -0.92
CA THR A 375 41.92 -24.43 -1.76
C THR A 375 43.10 -23.49 -1.57
N ALA A 376 43.42 -23.24 -0.30
CA ALA A 376 44.55 -22.38 0.05
C ALA A 376 45.86 -22.94 -0.50
N ILE A 377 46.09 -24.24 -0.28
CA ILE A 377 47.30 -24.88 -0.76
C ILE A 377 47.43 -24.83 -2.29
N ALA A 378 46.38 -25.30 -2.98
CA ALA A 378 46.39 -25.36 -4.44
C ALA A 378 46.55 -23.98 -5.07
N ASN A 379 45.82 -23.00 -4.54
CA ASN A 379 45.93 -21.64 -5.05
C ASN A 379 47.29 -21.02 -4.70
N GLU A 380 47.91 -21.53 -3.65
CA GLU A 380 49.25 -21.09 -3.26
C GLU A 380 50.28 -21.62 -4.25
N ILE A 381 50.06 -22.86 -4.71
CA ILE A 381 50.93 -23.47 -5.71
C ILE A 381 50.99 -22.63 -6.99
N ASN A 382 49.89 -22.63 -7.73
CA ASN A 382 49.81 -21.86 -8.97
C ASN A 382 48.37 -21.46 -9.29
N ARG A 383 48.21 -20.31 -9.96
CA ARG A 383 46.90 -19.87 -10.41
C ARG A 383 46.65 -20.30 -11.85
N ASN A 384 45.45 -20.00 -12.35
CA ASN A 384 45.06 -20.34 -13.72
C ASN A 384 45.26 -21.81 -14.06
N SER A 385 45.09 -22.67 -13.06
CA SER A 385 45.23 -24.11 -13.25
C SER A 385 43.86 -24.78 -13.20
N ASN A 386 43.67 -25.79 -14.05
CA ASN A 386 42.41 -26.52 -14.14
C ASN A 386 42.03 -27.17 -12.82
N PHE A 387 42.99 -27.88 -12.22
CA PHE A 387 42.77 -28.53 -10.93
C PHE A 387 42.41 -27.52 -9.85
N VAL A 388 43.10 -26.38 -9.86
CA VAL A 388 42.84 -25.32 -8.90
C VAL A 388 41.43 -24.77 -9.06
N LYS A 389 41.00 -24.59 -10.30
CA LYS A 389 39.67 -24.06 -10.60
C LYS A 389 38.58 -25.04 -10.15
N ILE A 390 38.68 -26.28 -10.60
CA ILE A 390 37.69 -27.31 -10.25
C ILE A 390 37.61 -27.51 -8.74
N LEU A 391 38.77 -27.63 -8.10
CA LEU A 391 38.83 -27.77 -6.65
C LEU A 391 38.18 -26.58 -5.97
N SER A 392 38.45 -25.38 -6.48
CA SER A 392 37.87 -24.16 -5.94
C SER A 392 36.34 -24.21 -6.00
N ILE A 393 35.81 -24.60 -7.15
CA ILE A 393 34.36 -24.67 -7.34
C ILE A 393 33.70 -25.71 -6.44
N VAL A 394 34.20 -26.94 -6.49
CA VAL A 394 33.63 -28.04 -5.70
C VAL A 394 33.71 -27.74 -4.21
N ALA A 395 34.88 -27.31 -3.75
CA ALA A 395 35.07 -26.97 -2.35
C ALA A 395 34.20 -25.78 -1.96
N THR A 396 33.91 -24.91 -2.92
CA THR A 396 33.00 -23.80 -2.68
C THR A 396 31.59 -24.32 -2.45
N PHE A 397 31.19 -25.33 -3.23
CA PHE A 397 29.88 -25.96 -3.06
C PHE A 397 29.75 -26.62 -1.69
N VAL A 398 30.72 -27.46 -1.34
CA VAL A 398 30.73 -28.10 -0.03
C VAL A 398 30.70 -27.05 1.09
N MET A 399 31.48 -26.00 0.89
CA MET A 399 31.62 -24.93 1.88
C MET A 399 30.31 -24.19 2.10
N ILE A 400 29.59 -23.87 1.03
CA ILE A 400 28.34 -23.12 1.17
C ILE A 400 27.24 -24.02 1.74
N ILE A 401 27.24 -25.29 1.33
CA ILE A 401 26.30 -26.25 1.92
C ILE A 401 26.47 -26.30 3.43
N SER A 402 27.69 -26.63 3.86
CA SER A 402 28.01 -26.79 5.26
C SER A 402 27.79 -25.51 6.05
N PHE A 403 28.29 -24.39 5.51
CA PHE A 403 28.17 -23.11 6.19
C PHE A 403 26.73 -22.70 6.40
N ALA A 404 25.92 -22.82 5.36
CA ALA A 404 24.49 -22.54 5.52
C ALA A 404 23.93 -23.42 6.62
N VAL A 405 23.86 -24.71 6.29
CA VAL A 405 23.16 -25.75 7.06
C VAL A 405 23.57 -25.78 8.52
N SER A 406 24.80 -25.37 8.79
CA SER A 406 25.33 -25.39 10.15
C SER A 406 25.32 -24.02 10.77
N TYR A 407 26.08 -23.13 10.16
CA TYR A 407 26.39 -21.83 10.74
C TYR A 407 25.25 -20.81 10.80
N GLY A 408 24.41 -20.72 9.78
CA GLY A 408 23.55 -19.53 9.73
C GLY A 408 22.43 -19.46 10.75
N PRO A 409 21.50 -20.42 10.69
CA PRO A 409 20.38 -20.45 11.64
C PRO A 409 20.87 -20.58 13.06
N VAL A 410 21.78 -21.52 13.29
CA VAL A 410 22.30 -21.75 14.64
C VAL A 410 22.91 -20.48 15.21
N LEU A 411 23.63 -19.74 14.38
CA LEU A 411 24.19 -18.47 14.83
C LEU A 411 23.09 -17.53 15.28
N TRP A 412 22.11 -17.27 14.43
CA TRP A 412 21.07 -16.30 14.81
C TRP A 412 20.29 -16.74 16.05
N ILE A 413 19.79 -17.98 16.04
CA ILE A 413 19.03 -18.52 17.15
C ILE A 413 19.81 -18.50 18.47
N TYR A 414 21.06 -18.95 18.42
CA TYR A 414 21.89 -18.97 19.63
C TYR A 414 22.19 -17.56 20.11
N LEU A 415 22.33 -16.63 19.17
CA LEU A 415 22.51 -15.22 19.50
C LEU A 415 21.29 -14.70 20.25
N HIS A 416 20.12 -15.25 19.91
CA HIS A 416 18.91 -14.89 20.64
C HIS A 416 18.83 -15.56 22.01
N GLU A 417 19.24 -16.83 22.08
CA GLU A 417 19.06 -17.65 23.27
C GLU A 417 20.11 -17.44 24.36
N MET A 418 21.37 -17.27 23.96
CA MET A 418 22.50 -17.30 24.90
C MET A 418 22.45 -16.18 25.94
N PHE A 419 21.75 -15.10 25.63
CA PHE A 419 21.71 -13.95 26.52
C PHE A 419 20.58 -14.04 27.54
N PRO A 420 20.89 -13.80 28.82
CA PRO A 420 19.90 -13.82 29.90
C PRO A 420 18.90 -12.68 29.79
N SER A 421 17.78 -12.80 30.49
CA SER A 421 16.74 -11.76 30.43
C SER A 421 17.21 -10.45 31.05
N GLU A 422 18.20 -10.55 31.94
CA GLU A 422 18.77 -9.37 32.59
C GLU A 422 19.33 -8.40 31.54
N ILE A 423 20.23 -8.91 30.70
CA ILE A 423 20.70 -8.14 29.55
C ILE A 423 20.58 -9.00 28.29
N LYS A 424 19.67 -8.61 27.39
CA LYS A 424 19.41 -9.38 26.19
C LYS A 424 19.42 -8.52 24.94
N ASP A 425 18.46 -7.60 24.85
CA ASP A 425 18.25 -6.79 23.66
C ASP A 425 19.48 -6.01 23.25
N SER A 426 20.11 -5.33 24.20
CA SER A 426 21.29 -4.50 23.92
C SER A 426 22.48 -5.36 23.49
N ALA A 427 22.65 -6.50 24.15
CA ALA A 427 23.76 -7.40 23.84
C ALA A 427 23.60 -8.00 22.43
N ALA A 428 22.40 -8.43 22.10
CA ALA A 428 22.12 -9.03 20.80
C ALA A 428 22.21 -7.98 19.69
N SER A 429 21.72 -6.78 19.98
CA SER A 429 21.76 -5.69 19.01
C SER A 429 23.19 -5.25 18.73
N LEU A 430 24.00 -5.20 19.79
CA LEU A 430 25.41 -4.88 19.64
C LEU A 430 26.14 -6.01 18.91
N ALA A 431 25.66 -7.23 19.11
CA ALA A 431 26.22 -8.39 18.42
C ALA A 431 25.94 -8.30 16.92
N SER A 432 24.75 -7.82 16.58
CA SER A 432 24.40 -7.62 15.17
C SER A 432 25.16 -6.43 14.59
N LEU A 433 25.44 -5.45 15.44
CA LEU A 433 26.25 -4.30 15.05
C LEU A 433 27.64 -4.77 14.65
N VAL A 434 28.24 -5.58 15.52
CA VAL A 434 29.53 -6.20 15.24
C VAL A 434 29.44 -7.07 14.00
N ASN A 435 28.29 -7.71 13.81
CA ASN A 435 28.04 -8.52 12.64
C ASN A 435 28.13 -7.71 11.34
N TRP A 436 27.56 -6.51 11.35
CA TRP A 436 27.60 -5.65 10.16
C TRP A 436 28.97 -5.01 9.96
N VAL A 437 29.63 -4.64 11.06
CA VAL A 437 30.99 -4.11 10.99
C VAL A 437 31.90 -5.15 10.34
N CYS A 438 31.87 -6.36 10.88
CA CYS A 438 32.62 -7.47 10.33
C CYS A 438 32.17 -7.79 8.91
N ALA A 439 30.91 -7.49 8.61
CA ALA A 439 30.40 -7.68 7.25
C ALA A 439 31.12 -6.75 6.28
N ILE A 440 31.32 -5.50 6.68
CA ILE A 440 32.09 -4.56 5.86
C ILE A 440 33.54 -5.02 5.73
N ILE A 441 34.14 -5.31 6.89
CA ILE A 441 35.53 -5.77 7.00
C ILE A 441 35.79 -7.00 6.13
N VAL A 442 34.75 -7.79 5.91
CA VAL A 442 34.83 -8.90 4.97
C VAL A 442 34.70 -8.37 3.55
N VAL A 443 33.55 -7.75 3.25
CA VAL A 443 33.21 -7.39 1.87
C VAL A 443 34.27 -6.55 1.15
N PHE A 444 34.62 -5.39 1.68
CA PHE A 444 35.54 -4.52 0.91
C PHE A 444 36.99 -5.04 0.81
N PRO A 445 37.63 -5.37 1.96
CA PRO A 445 39.02 -5.81 1.86
C PRO A 445 39.20 -7.13 1.12
N SER A 446 38.22 -8.03 1.18
CA SER A 446 38.31 -9.28 0.46
C SER A 446 38.21 -9.04 -1.04
N ASP A 447 37.46 -8.01 -1.41
CA ASP A 447 37.36 -7.51 -2.79
C ASP A 447 38.65 -6.90 -3.34
N ILE A 448 39.32 -6.09 -2.53
CA ILE A 448 40.61 -5.50 -2.90
C ILE A 448 41.71 -6.58 -2.94
N ILE A 449 41.66 -7.52 -2.00
CA ILE A 449 42.64 -8.59 -1.92
C ILE A 449 42.45 -9.61 -3.05
N ILE A 450 41.19 -9.93 -3.36
CA ILE A 450 40.91 -10.86 -4.46
C ILE A 450 41.30 -10.20 -5.78
N LYS A 451 41.38 -8.87 -5.77
CA LYS A 451 41.97 -8.16 -6.90
C LYS A 451 43.48 -8.35 -6.89
N LYS A 452 44.07 -8.24 -5.70
CA LYS A 452 45.51 -8.46 -5.53
C LYS A 452 45.92 -9.91 -5.84
N SER A 453 45.34 -10.84 -5.11
CA SER A 453 45.65 -12.28 -5.24
C SER A 453 44.78 -13.12 -4.32
N PRO A 454 44.28 -14.27 -4.81
CA PRO A 454 43.36 -15.16 -4.10
C PRO A 454 43.97 -15.93 -2.92
N SER A 455 45.27 -16.21 -3.00
CA SER A 455 45.94 -17.03 -1.99
C SER A 455 45.79 -16.45 -0.59
N ILE A 456 45.98 -15.14 -0.48
CA ILE A 456 45.83 -14.42 0.79
C ILE A 456 44.45 -14.66 1.38
N LEU A 457 43.43 -14.33 0.61
CA LEU A 457 42.04 -14.46 1.04
C LEU A 457 41.72 -15.88 1.47
N PHE A 458 42.15 -16.85 0.66
CA PHE A 458 41.88 -18.25 0.95
C PHE A 458 42.54 -18.71 2.25
N ILE A 459 43.80 -18.37 2.44
CA ILE A 459 44.52 -18.84 3.62
C ILE A 459 44.06 -18.12 4.89
N VAL A 460 43.69 -16.84 4.79
CA VAL A 460 43.23 -16.12 5.97
C VAL A 460 41.81 -16.55 6.33
N PHE A 461 41.00 -16.89 5.32
CA PHE A 461 39.67 -17.41 5.57
C PHE A 461 39.76 -18.80 6.20
N SER A 462 40.74 -19.58 5.75
CA SER A 462 40.99 -20.89 6.33
C SER A 462 41.40 -20.76 7.80
N VAL A 463 42.31 -19.83 8.07
CA VAL A 463 42.77 -19.58 9.44
C VAL A 463 41.61 -19.14 10.33
N MET A 464 40.82 -18.19 9.85
CA MET A 464 39.66 -17.71 10.61
C MET A 464 38.64 -18.82 10.82
N SER A 465 38.60 -19.78 9.89
CA SER A 465 37.67 -20.90 10.00
C SER A 465 38.12 -21.89 11.05
N ILE A 466 39.42 -22.20 11.07
CA ILE A 466 39.97 -23.10 12.08
C ILE A 466 39.85 -22.48 13.46
N LEU A 467 40.16 -21.19 13.54
CA LEU A 467 40.03 -20.45 14.78
C LEU A 467 38.57 -20.40 15.21
N THR A 468 37.66 -20.39 14.24
CA THR A 468 36.23 -20.44 14.52
C THR A 468 35.86 -21.78 15.13
N PHE A 469 36.41 -22.86 14.57
CA PHE A 469 36.19 -24.20 15.09
C PHE A 469 36.66 -24.29 16.54
N PHE A 470 37.91 -23.90 16.78
CA PHE A 470 38.50 -23.94 18.11
C PHE A 470 37.70 -23.09 19.10
N PHE A 471 37.25 -21.92 18.64
CA PHE A 471 36.48 -21.01 19.48
C PHE A 471 35.13 -21.60 19.88
N ILE A 472 34.37 -22.05 18.88
CA ILE A 472 33.05 -22.62 19.13
C ILE A 472 33.15 -23.86 20.02
N PHE A 473 34.17 -24.66 19.82
CA PHE A 473 34.36 -25.86 20.64
C PHE A 473 34.74 -25.50 22.07
N PHE A 474 35.67 -24.57 22.23
CA PHE A 474 36.21 -24.22 23.55
C PHE A 474 35.31 -23.36 24.42
N PHE A 475 34.78 -22.26 23.87
CA PHE A 475 34.10 -21.25 24.68
C PHE A 475 32.56 -21.29 24.64
N ILE A 476 32.00 -22.19 23.84
CA ILE A 476 30.54 -22.19 23.65
C ILE A 476 29.88 -23.46 24.18
N LYS A 477 28.75 -23.27 24.86
CA LYS A 477 27.99 -24.40 25.42
C LYS A 477 26.62 -24.51 24.76
N GLU A 478 26.04 -25.71 24.76
CA GLU A 478 24.77 -25.97 24.09
C GLU A 478 23.56 -25.58 24.95
N THR A 479 22.69 -24.75 24.38
CA THR A 479 21.51 -24.24 25.07
C THR A 479 20.24 -25.04 24.81
N LYS A 480 20.37 -26.17 24.11
CA LYS A 480 19.22 -26.96 23.69
C LYS A 480 18.26 -27.29 24.83
N GLY A 481 16.97 -27.02 24.62
CA GLY A 481 15.95 -27.22 25.63
C GLY A 481 15.98 -26.13 26.69
N GLY A 482 16.60 -25.01 26.35
CA GLY A 482 16.77 -23.92 27.30
C GLY A 482 15.53 -23.05 27.49
N GLU A 483 15.36 -22.57 28.72
CA GLU A 483 14.26 -21.68 29.06
C GLU A 483 14.50 -20.27 28.53
N ILE A 484 13.45 -19.48 28.42
CA ILE A 484 13.55 -18.11 27.95
C ILE A 484 14.28 -17.22 28.97
N GLY A 485 15.26 -16.46 28.49
CA GLY A 485 15.99 -15.53 29.33
C GLY A 485 16.90 -16.20 30.35
N THR A 486 17.74 -17.12 29.87
CA THR A 486 18.70 -17.79 30.73
C THR A 486 19.95 -18.21 29.96
N SER A 487 21.02 -18.51 30.68
CA SER A 487 22.27 -18.93 30.07
C SER A 487 22.92 -20.05 30.87
N PRO A 488 23.58 -20.99 30.18
CA PRO A 488 24.30 -22.08 30.84
C PRO A 488 25.55 -21.58 31.56
N TYR A 489 25.98 -20.37 31.22
CA TYR A 489 27.20 -19.79 31.78
C TYR A 489 27.00 -19.24 33.19
N ILE A 490 25.87 -18.57 33.41
CA ILE A 490 25.63 -17.88 34.67
C ILE A 490 24.42 -18.43 35.43
N THR A 491 24.57 -18.58 36.74
CA THR A 491 23.46 -18.95 37.61
C THR A 491 22.66 -17.70 37.96
N MET A 492 21.72 -17.83 38.91
CA MET A 492 20.91 -16.71 39.32
C MET A 492 21.76 -15.62 39.99
N GLU A 493 21.67 -14.41 39.45
CA GLU A 493 22.44 -13.26 39.93
C GLU A 493 23.91 -13.59 40.15
N SER B 24 -22.88 34.02 -18.96
CA SER B 24 -23.96 34.51 -18.12
C SER B 24 -25.25 33.72 -18.37
N THR B 25 -25.52 33.42 -19.64
CA THR B 25 -26.66 32.60 -20.01
C THR B 25 -26.35 31.12 -19.77
N SER B 26 -25.16 30.71 -20.21
CA SER B 26 -24.65 29.37 -19.93
C SER B 26 -24.60 29.16 -18.43
N PHE B 27 -24.32 30.23 -17.71
CA PHE B 27 -24.36 30.25 -16.25
C PHE B 27 -25.74 29.81 -15.75
N LYS B 28 -26.79 30.23 -16.47
CA LYS B 28 -28.16 29.89 -16.10
C LYS B 28 -28.53 28.46 -16.46
N TYR B 29 -28.15 28.02 -17.66
CA TYR B 29 -28.35 26.62 -18.04
C TYR B 29 -27.71 25.69 -17.01
N VAL B 30 -26.44 25.99 -16.73
CA VAL B 30 -25.68 25.26 -15.73
C VAL B 30 -26.33 25.39 -14.36
N LEU B 31 -27.01 26.51 -14.11
CA LEU B 31 -27.75 26.68 -12.86
C LEU B 31 -28.90 25.68 -12.75
N SER B 32 -29.59 25.44 -13.87
CA SER B 32 -30.67 24.45 -13.89
C SER B 32 -30.11 23.04 -13.67
N ALA B 33 -29.07 22.71 -14.43
CA ALA B 33 -28.40 21.42 -14.25
C ALA B 33 -27.90 21.28 -12.80
N CYS B 34 -27.65 22.42 -12.17
CA CYS B 34 -27.21 22.47 -10.79
C CYS B 34 -28.38 22.36 -9.82
N ILE B 35 -29.60 22.60 -10.31
CA ILE B 35 -30.80 22.29 -9.53
C ILE B 35 -30.90 20.78 -9.49
N ALA B 36 -30.71 20.15 -10.65
CA ALA B 36 -30.66 18.69 -10.69
C ALA B 36 -29.58 18.14 -9.75
N SER B 37 -28.40 18.74 -9.82
CA SER B 37 -27.27 18.38 -8.96
C SER B 37 -27.62 18.57 -7.49
N PHE B 38 -28.42 19.59 -7.20
CA PHE B 38 -28.88 19.87 -5.85
C PHE B 38 -29.74 18.71 -5.34
N ILE B 39 -30.68 18.29 -6.18
CA ILE B 39 -31.51 17.13 -5.87
C ILE B 39 -30.63 15.91 -5.57
N PHE B 40 -29.66 15.67 -6.44
CA PHE B 40 -28.71 14.56 -6.27
C PHE B 40 -28.02 14.61 -4.90
N GLY B 41 -27.43 15.76 -4.58
CA GLY B 41 -26.74 15.95 -3.33
C GLY B 41 -27.64 15.69 -2.12
N TYR B 42 -28.85 16.24 -2.18
CA TYR B 42 -29.81 16.00 -1.10
C TYR B 42 -30.04 14.51 -0.92
N GLN B 43 -30.25 13.80 -2.03
CA GLN B 43 -30.54 12.37 -1.97
C GLN B 43 -29.37 11.62 -1.34
N VAL B 44 -28.16 12.02 -1.69
CA VAL B 44 -26.96 11.43 -1.09
C VAL B 44 -26.97 11.63 0.43
N SER B 45 -27.21 12.87 0.86
CA SER B 45 -27.21 13.19 2.29
C SER B 45 -28.27 12.41 3.07
N VAL B 46 -29.49 12.35 2.54
CA VAL B 46 -30.58 11.67 3.23
C VAL B 46 -30.34 10.16 3.23
N LEU B 47 -29.67 9.64 2.20
CA LEU B 47 -29.28 8.24 2.20
C LEU B 47 -28.27 7.97 3.31
N ASN B 48 -27.35 8.91 3.50
CA ASN B 48 -26.38 8.83 4.57
C ASN B 48 -27.04 8.84 5.95
N THR B 49 -28.05 9.69 6.12
CA THR B 49 -28.80 9.75 7.37
C THR B 49 -29.57 8.47 7.64
N ILE B 50 -30.21 7.94 6.60
CA ILE B 50 -30.92 6.67 6.70
C ILE B 50 -29.98 5.56 7.14
N LYS B 51 -28.84 5.47 6.48
CA LYS B 51 -27.82 4.48 6.84
C LYS B 51 -27.41 4.61 8.30
N ASN B 52 -27.22 5.86 8.73
CA ASN B 52 -26.84 6.14 10.13
C ASN B 52 -27.87 5.63 11.12
N PHE B 53 -29.13 6.06 10.94
CA PHE B 53 -30.21 5.66 11.85
C PHE B 53 -30.37 4.15 11.87
N ILE B 54 -30.27 3.53 10.69
CA ILE B 54 -30.34 2.08 10.59
C ILE B 54 -29.24 1.42 11.40
N VAL B 55 -28.01 1.92 11.27
CA VAL B 55 -26.89 1.42 12.06
C VAL B 55 -27.18 1.54 13.56
N VAL B 56 -27.76 2.67 13.96
CA VAL B 56 -28.10 2.91 15.36
C VAL B 56 -29.10 1.88 15.89
N GLU B 57 -30.24 1.75 15.22
CA GLU B 57 -31.27 0.84 15.70
C GLU B 57 -30.85 -0.63 15.56
N PHE B 58 -29.92 -0.89 14.65
CA PHE B 58 -29.34 -2.22 14.51
C PHE B 58 -28.44 -2.53 15.69
N GLU B 59 -27.70 -1.53 16.14
CA GLU B 59 -26.89 -1.66 17.34
C GLU B 59 -27.80 -1.88 18.54
N TRP B 60 -28.95 -1.22 18.53
CA TRP B 60 -29.96 -1.41 19.56
C TRP B 60 -30.58 -2.80 19.46
N CYS B 61 -30.95 -3.18 18.23
CA CYS B 61 -31.55 -4.48 17.99
C CYS B 61 -31.22 -4.99 16.59
N CYS B 70 -35.56 -7.58 15.93
CA CYS B 70 -34.18 -7.75 15.51
C CYS B 70 -34.10 -8.41 14.14
N SER B 71 -35.22 -8.41 13.42
CA SER B 71 -35.30 -9.08 12.12
C SER B 71 -35.78 -8.15 11.02
N ASN B 72 -37.02 -7.67 11.17
CA ASN B 72 -37.68 -6.84 10.17
C ASN B 72 -36.89 -5.61 9.75
N ASN B 73 -36.21 -4.99 10.72
CA ASN B 73 -35.42 -3.79 10.46
C ASN B 73 -34.29 -4.03 9.47
N THR B 74 -33.54 -5.10 9.69
CA THR B 74 -32.42 -5.47 8.83
C THR B 74 -32.88 -5.72 7.40
N ILE B 75 -33.96 -6.48 7.26
CA ILE B 75 -34.51 -6.78 5.94
C ILE B 75 -35.00 -5.52 5.24
N GLN B 76 -35.72 -4.68 5.98
CA GLN B 76 -36.26 -3.44 5.44
C GLN B 76 -35.15 -2.52 4.92
N SER B 77 -34.11 -2.32 5.74
CA SER B 77 -33.00 -1.47 5.36
C SER B 77 -32.21 -2.05 4.20
N SER B 78 -31.94 -3.35 4.27
CA SER B 78 -31.21 -4.04 3.21
C SER B 78 -31.91 -3.87 1.87
N PHE B 79 -33.19 -4.23 1.83
CA PHE B 79 -33.98 -4.08 0.61
C PHE B 79 -34.00 -2.61 0.16
N LEU B 80 -34.14 -1.70 1.12
CA LEU B 80 -34.17 -0.28 0.82
C LEU B 80 -32.92 0.16 0.06
N LEU B 81 -31.77 0.11 0.72
CA LEU B 81 -30.51 0.57 0.15
C LEU B 81 -30.13 -0.21 -1.12
N ALA B 82 -30.41 -1.52 -1.11
CA ALA B 82 -30.09 -2.34 -2.27
C ALA B 82 -30.94 -1.93 -3.47
N SER B 83 -32.22 -1.69 -3.24
CA SER B 83 -33.14 -1.24 -4.29
C SER B 83 -32.75 0.13 -4.84
N VAL B 84 -32.37 1.04 -3.95
CA VAL B 84 -31.90 2.36 -4.34
C VAL B 84 -30.63 2.27 -5.18
N PHE B 85 -29.73 1.38 -4.80
CA PHE B 85 -28.42 1.30 -5.44
C PHE B 85 -28.46 0.56 -6.78
N ILE B 86 -29.21 -0.53 -6.87
CA ILE B 86 -29.35 -1.24 -8.13
C ILE B 86 -30.16 -0.38 -9.10
N GLY B 87 -31.08 0.41 -8.55
CA GLY B 87 -31.83 1.36 -9.32
C GLY B 87 -30.90 2.45 -9.81
N ALA B 88 -29.88 2.75 -9.01
CA ALA B 88 -28.90 3.75 -9.38
C ALA B 88 -28.02 3.26 -10.53
N VAL B 89 -27.59 2.00 -10.45
CA VAL B 89 -26.72 1.43 -11.47
C VAL B 89 -27.45 1.20 -12.80
N LEU B 90 -28.54 0.44 -12.73
CA LEU B 90 -29.32 0.13 -13.93
C LEU B 90 -29.93 1.40 -14.50
N GLY B 91 -30.35 2.27 -13.59
CA GLY B 91 -30.88 3.57 -13.97
C GLY B 91 -29.82 4.44 -14.62
N CYS B 92 -28.56 4.24 -14.24
CA CYS B 92 -27.45 4.99 -14.82
C CYS B 92 -27.17 4.52 -16.24
N GLY B 93 -26.98 3.21 -16.40
CA GLY B 93 -26.72 2.64 -17.71
C GLY B 93 -27.84 2.95 -18.69
N PHE B 94 -29.07 2.71 -18.24
CA PHE B 94 -30.24 2.96 -19.07
C PHE B 94 -30.57 4.45 -19.13
N SER B 95 -29.88 5.26 -18.34
CA SER B 95 -29.92 6.71 -18.53
C SER B 95 -29.06 7.04 -19.73
N GLY B 96 -27.91 6.40 -19.81
CA GLY B 96 -27.04 6.53 -20.97
C GLY B 96 -27.73 6.05 -22.22
N TYR B 97 -28.57 5.04 -22.08
CA TYR B 97 -29.32 4.53 -23.22
C TYR B 97 -30.55 5.39 -23.53
N LEU B 98 -31.09 6.03 -22.50
CA LEU B 98 -32.27 6.90 -22.66
C LEU B 98 -31.90 8.26 -23.22
N VAL B 99 -30.71 8.75 -22.87
CA VAL B 99 -30.28 10.10 -23.25
C VAL B 99 -30.11 10.21 -24.78
N GLN B 100 -30.18 9.08 -25.46
CA GLN B 100 -30.16 9.07 -26.92
C GLN B 100 -31.34 9.86 -27.49
N PHE B 101 -32.47 9.81 -26.81
CA PHE B 101 -33.67 10.50 -27.27
C PHE B 101 -33.58 12.01 -27.02
N GLY B 102 -32.95 12.40 -25.92
CA GLY B 102 -32.59 13.80 -25.71
C GLY B 102 -31.95 14.03 -24.36
N ARG B 103 -31.16 15.10 -24.25
CA ARG B 103 -30.54 15.47 -23.00
C ARG B 103 -31.49 16.25 -22.09
N ARG B 104 -32.13 17.26 -22.66
CA ARG B 104 -33.05 18.12 -21.92
C ARG B 104 -34.30 17.33 -21.56
N LEU B 105 -34.78 16.55 -22.52
CA LEU B 105 -35.91 15.65 -22.31
C LEU B 105 -35.59 14.70 -21.17
N SER B 106 -34.37 14.18 -21.14
CA SER B 106 -33.92 13.32 -20.08
C SER B 106 -33.96 14.04 -18.74
N LEU B 107 -33.51 15.29 -18.71
CA LEU B 107 -33.54 16.09 -17.49
C LEU B 107 -34.97 16.30 -16.99
N LEU B 108 -35.90 16.49 -17.92
CA LEU B 108 -37.30 16.67 -17.57
C LEU B 108 -37.90 15.38 -17.02
N ILE B 109 -37.53 14.25 -17.61
CA ILE B 109 -37.93 12.94 -17.11
C ILE B 109 -37.39 12.75 -15.69
N ILE B 110 -36.17 13.21 -15.47
CA ILE B 110 -35.55 13.19 -14.15
C ILE B 110 -36.40 13.95 -13.15
N TYR B 111 -36.70 15.21 -13.48
CA TYR B 111 -37.48 16.08 -12.60
C TYR B 111 -38.86 15.49 -12.29
N ASN B 112 -39.53 14.95 -13.30
CA ASN B 112 -40.83 14.32 -13.11
C ASN B 112 -40.74 13.09 -12.21
N PHE B 113 -39.73 12.26 -12.45
CA PHE B 113 -39.51 11.06 -11.65
C PHE B 113 -39.31 11.42 -10.18
N PHE B 114 -38.38 12.34 -9.92
CA PHE B 114 -38.12 12.78 -8.57
C PHE B 114 -39.35 13.40 -7.92
N PHE B 115 -40.13 14.12 -8.74
CA PHE B 115 -41.39 14.69 -8.29
C PHE B 115 -42.33 13.61 -7.73
N LEU B 116 -42.77 12.74 -8.64
CA LEU B 116 -43.72 11.66 -8.30
C LEU B 116 -43.20 10.80 -7.15
N VAL B 117 -41.95 10.37 -7.26
CA VAL B 117 -41.34 9.49 -6.26
C VAL B 117 -41.27 10.14 -4.89
N SER B 118 -40.78 11.39 -4.84
CA SER B 118 -40.68 12.11 -3.58
C SER B 118 -42.05 12.31 -2.96
N ILE B 119 -43.05 12.55 -3.79
CA ILE B 119 -44.42 12.67 -3.28
C ILE B 119 -44.89 11.36 -2.65
N LEU B 120 -44.82 10.28 -3.43
CA LEU B 120 -45.27 8.96 -2.96
C LEU B 120 -44.54 8.50 -1.70
N THR B 121 -43.26 8.86 -1.59
CA THR B 121 -42.46 8.49 -0.44
C THR B 121 -42.81 9.34 0.77
N SER B 122 -42.95 10.65 0.56
CA SER B 122 -43.24 11.58 1.65
C SER B 122 -44.63 11.35 2.23
N ILE B 123 -45.56 10.88 1.40
CA ILE B 123 -46.90 10.54 1.89
C ILE B 123 -46.80 9.47 2.97
N THR B 124 -46.08 8.39 2.66
CA THR B 124 -45.77 7.32 3.60
C THR B 124 -47.02 6.66 4.19
N HIS B 125 -48.14 6.77 3.46
CA HIS B 125 -49.36 6.05 3.82
C HIS B 125 -49.30 4.61 3.33
N HIS B 126 -48.71 4.43 2.15
CA HIS B 126 -48.62 3.12 1.52
C HIS B 126 -47.40 2.37 2.05
N PHE B 127 -47.60 1.11 2.42
CA PHE B 127 -46.53 0.32 3.03
C PHE B 127 -45.59 -0.33 2.02
N HIS B 128 -46.14 -0.88 0.94
CA HIS B 128 -45.34 -1.63 -0.03
C HIS B 128 -44.94 -0.78 -1.23
N THR B 129 -45.48 0.43 -1.32
CA THR B 129 -45.18 1.30 -2.44
C THR B 129 -43.83 1.98 -2.25
N ILE B 130 -43.42 2.12 -0.99
CA ILE B 130 -42.17 2.80 -0.66
C ILE B 130 -40.97 2.10 -1.27
N LEU B 131 -41.04 0.78 -1.42
CA LEU B 131 -39.95 0.01 -2.03
C LEU B 131 -39.75 0.41 -3.49
N PHE B 132 -40.82 0.33 -4.27
CA PHE B 132 -40.80 0.75 -5.66
C PHE B 132 -40.39 2.21 -5.77
N ALA B 133 -40.80 3.00 -4.78
CA ALA B 133 -40.43 4.41 -4.72
C ALA B 133 -38.91 4.57 -4.60
N ARG B 134 -38.30 3.75 -3.75
CA ARG B 134 -36.84 3.78 -3.58
C ARG B 134 -36.15 3.34 -4.86
N LEU B 135 -36.69 2.31 -5.50
CA LEU B 135 -36.14 1.79 -6.75
C LEU B 135 -36.13 2.88 -7.83
N LEU B 136 -37.30 3.46 -8.09
CA LEU B 136 -37.43 4.51 -9.08
C LEU B 136 -36.62 5.75 -8.70
N SER B 137 -36.46 5.97 -7.41
CA SER B 137 -35.63 7.07 -6.91
C SER B 137 -34.19 6.87 -7.33
N GLY B 138 -33.70 5.64 -7.14
CA GLY B 138 -32.36 5.28 -7.58
C GLY B 138 -32.23 5.45 -9.08
N PHE B 139 -33.27 5.04 -9.80
CA PHE B 139 -33.32 5.22 -11.26
C PHE B 139 -33.10 6.68 -11.62
N GLY B 140 -33.86 7.57 -10.96
CA GLY B 140 -33.71 8.99 -11.18
C GLY B 140 -32.34 9.52 -10.81
N ILE B 141 -31.73 8.91 -9.79
CA ILE B 141 -30.39 9.30 -9.35
C ILE B 141 -29.37 9.01 -10.45
N GLY B 142 -29.40 7.79 -10.97
CA GLY B 142 -28.53 7.42 -12.07
C GLY B 142 -28.78 8.32 -13.28
N LEU B 143 -30.06 8.60 -13.52
CA LEU B 143 -30.47 9.53 -14.57
C LEU B 143 -29.74 10.88 -14.42
N VAL B 144 -29.76 11.43 -13.21
CA VAL B 144 -29.03 12.67 -12.92
C VAL B 144 -27.55 12.51 -13.24
N THR B 145 -26.95 11.48 -12.66
CA THR B 145 -25.52 11.21 -12.79
C THR B 145 -25.05 11.22 -14.24
N VAL B 146 -25.78 10.53 -15.11
CA VAL B 146 -25.41 10.50 -16.52
C VAL B 146 -25.75 11.80 -17.24
N SER B 147 -26.96 12.30 -17.03
CA SER B 147 -27.47 13.42 -17.83
C SER B 147 -26.80 14.76 -17.57
N VAL B 148 -26.68 15.15 -16.31
CA VAL B 148 -26.28 16.53 -15.98
C VAL B 148 -24.94 17.01 -16.56
N PRO B 149 -23.83 16.29 -16.30
CA PRO B 149 -22.55 16.85 -16.74
C PRO B 149 -22.38 16.88 -18.27
N MET B 150 -23.11 16.02 -18.97
CA MET B 150 -23.12 16.04 -20.43
C MET B 150 -23.82 17.30 -20.94
N TYR B 151 -25.00 17.54 -20.40
CA TYR B 151 -25.78 18.72 -20.74
C TYR B 151 -24.99 19.99 -20.45
N ILE B 152 -24.21 19.97 -19.37
CA ILE B 152 -23.37 21.11 -19.04
C ILE B 152 -22.21 21.24 -20.03
N SER B 153 -21.62 20.11 -20.39
CA SER B 153 -20.47 20.09 -21.29
C SER B 153 -20.80 20.61 -22.69
N GLU B 154 -21.96 20.22 -23.21
CA GLU B 154 -22.32 20.57 -24.59
C GLU B 154 -23.00 21.92 -24.74
N MET B 155 -23.46 22.51 -23.64
CA MET B 155 -24.18 23.78 -23.69
C MET B 155 -23.31 25.00 -23.43
N THR B 156 -22.02 24.78 -23.24
CA THR B 156 -21.13 25.86 -22.82
C THR B 156 -19.87 25.94 -23.68
N HIS B 157 -19.13 27.03 -23.51
CA HIS B 157 -17.89 27.27 -24.25
C HIS B 157 -16.92 26.11 -24.05
N LYS B 158 -16.21 25.75 -25.11
CA LYS B 158 -15.30 24.61 -25.09
C LYS B 158 -14.14 24.82 -24.12
N ASP B 159 -13.77 26.08 -23.92
CA ASP B 159 -12.69 26.42 -22.99
C ASP B 159 -13.14 26.38 -21.54
N LYS B 160 -14.28 27.02 -21.26
CA LYS B 160 -14.73 27.23 -19.88
C LYS B 160 -15.74 26.20 -19.36
N LYS B 161 -16.04 25.19 -20.17
CA LYS B 161 -17.01 24.15 -19.77
C LYS B 161 -16.61 23.46 -18.46
N GLY B 162 -15.31 23.36 -18.23
CA GLY B 162 -14.78 22.78 -17.02
C GLY B 162 -15.32 23.48 -15.78
N ALA B 163 -15.14 24.79 -15.72
CA ALA B 163 -15.59 25.59 -14.58
C ALA B 163 -17.08 25.33 -14.25
N TYR B 164 -17.87 25.16 -15.29
CA TYR B 164 -19.30 24.93 -15.12
C TYR B 164 -19.58 23.50 -14.64
N GLY B 165 -18.73 22.56 -15.04
CA GLY B 165 -18.78 21.22 -14.47
C GLY B 165 -18.48 21.30 -12.98
N VAL B 166 -17.54 22.16 -12.63
CA VAL B 166 -17.21 22.40 -11.24
C VAL B 166 -18.39 23.04 -10.53
N MET B 167 -19.19 23.80 -11.27
CA MET B 167 -20.42 24.34 -10.70
C MET B 167 -21.41 23.22 -10.41
N HIS B 168 -21.46 22.24 -11.30
CA HIS B 168 -22.27 21.04 -11.07
C HIS B 168 -21.89 20.35 -9.78
N GLN B 169 -20.61 20.00 -9.65
CA GLN B 169 -20.12 19.38 -8.43
C GLN B 169 -20.40 20.27 -7.21
N LEU B 170 -20.24 21.57 -7.40
CA LEU B 170 -20.42 22.56 -6.34
C LEU B 170 -21.85 22.56 -5.81
N PHE B 171 -22.81 22.40 -6.70
CA PHE B 171 -24.21 22.35 -6.29
C PHE B 171 -24.60 20.97 -5.78
N ILE B 172 -23.84 19.95 -6.14
CA ILE B 172 -24.01 18.66 -5.47
C ILE B 172 -23.65 18.81 -4.00
N THR B 173 -22.44 19.32 -3.76
CA THR B 173 -21.97 19.56 -2.40
C THR B 173 -22.88 20.51 -1.64
N PHE B 174 -23.38 21.52 -2.36
CA PHE B 174 -24.29 22.50 -1.78
C PHE B 174 -25.60 21.83 -1.37
N GLY B 175 -26.07 20.89 -2.20
CA GLY B 175 -27.26 20.13 -1.87
C GLY B 175 -27.05 19.32 -0.60
N ILE B 176 -25.90 18.65 -0.53
CA ILE B 176 -25.54 17.87 0.65
C ILE B 176 -25.54 18.72 1.91
N PHE B 177 -24.82 19.84 1.86
CA PHE B 177 -24.71 20.74 3.02
C PHE B 177 -26.06 21.30 3.42
N VAL B 178 -26.88 21.68 2.43
CA VAL B 178 -28.21 22.20 2.69
C VAL B 178 -29.06 21.16 3.40
N ALA B 179 -29.01 19.91 2.94
CA ALA B 179 -29.74 18.84 3.59
C ALA B 179 -29.29 18.64 5.03
N VAL B 180 -27.97 18.52 5.23
CA VAL B 180 -27.40 18.31 6.54
C VAL B 180 -27.79 19.41 7.52
N MET B 181 -27.73 20.66 7.07
CA MET B 181 -28.09 21.79 7.91
C MET B 181 -29.61 21.84 8.14
N LEU B 182 -30.37 21.32 7.18
CA LEU B 182 -31.82 21.25 7.31
C LEU B 182 -32.21 20.18 8.31
N GLY B 183 -31.30 19.24 8.57
CA GLY B 183 -31.52 18.21 9.56
C GLY B 183 -31.83 18.77 10.93
N LEU B 184 -30.96 19.67 11.41
CA LEU B 184 -31.11 20.30 12.72
C LEU B 184 -31.28 19.28 13.84
N THR B 199 -41.82 13.00 19.60
CA THR B 199 -40.88 12.26 18.77
C THR B 199 -41.47 11.96 17.40
N SER B 200 -42.75 11.58 17.39
CA SER B 200 -43.45 11.30 16.14
C SER B 200 -43.67 12.58 15.34
N PHE B 201 -43.71 13.70 16.05
CA PHE B 201 -43.83 15.01 15.41
C PHE B 201 -42.58 15.28 14.58
N ALA B 202 -41.42 14.92 15.13
CA ALA B 202 -40.16 15.03 14.41
C ALA B 202 -40.09 14.03 13.27
N LYS B 203 -40.89 12.97 13.37
CA LYS B 203 -40.99 11.99 12.30
C LYS B 203 -41.82 12.57 11.16
N LEU B 204 -42.82 13.37 11.52
CA LEU B 204 -43.59 14.11 10.51
C LEU B 204 -42.68 15.15 9.87
N TRP B 205 -41.79 15.73 10.67
CA TRP B 205 -40.76 16.64 10.16
C TRP B 205 -39.87 15.91 9.16
N TRP B 206 -39.59 14.65 9.47
CA TRP B 206 -38.79 13.80 8.59
C TRP B 206 -39.55 13.55 7.28
N ARG B 207 -40.86 13.40 7.38
CA ARG B 207 -41.72 13.26 6.20
C ARG B 207 -41.69 14.54 5.36
N LEU B 208 -41.58 15.69 6.03
CA LEU B 208 -41.46 16.96 5.35
C LEU B 208 -40.12 17.02 4.62
N MET B 209 -39.09 16.50 5.27
CA MET B 209 -37.78 16.37 4.63
C MET B 209 -37.89 15.52 3.38
N PHE B 210 -38.74 14.50 3.43
CA PHE B 210 -39.03 13.71 2.23
C PHE B 210 -39.84 14.51 1.20
N LEU B 211 -40.58 15.50 1.67
CA LEU B 211 -41.46 16.28 0.80
C LEU B 211 -40.72 17.36 -0.01
N PHE B 212 -39.68 17.94 0.59
CA PHE B 212 -38.91 19.03 -0.05
C PHE B 212 -38.44 18.78 -1.50
N PRO B 213 -37.97 17.55 -1.83
CA PRO B 213 -37.57 17.30 -3.22
C PRO B 213 -38.68 17.54 -4.25
N SER B 214 -39.93 17.40 -3.84
CA SER B 214 -41.05 17.68 -4.75
C SER B 214 -41.06 19.16 -5.12
N VAL B 215 -40.87 20.01 -4.12
CA VAL B 215 -40.80 21.45 -4.32
C VAL B 215 -39.62 21.82 -5.20
N ILE B 216 -38.44 21.30 -4.86
CA ILE B 216 -37.23 21.59 -5.64
C ILE B 216 -37.39 21.16 -7.09
N SER B 217 -37.88 19.94 -7.30
CA SER B 217 -38.07 19.42 -8.65
C SER B 217 -39.08 20.26 -9.41
N LEU B 218 -40.14 20.69 -8.73
CA LEU B 218 -41.16 21.53 -9.35
C LEU B 218 -40.54 22.84 -9.82
N ILE B 219 -39.71 23.44 -8.97
CA ILE B 219 -39.01 24.66 -9.33
C ILE B 219 -38.13 24.45 -10.56
N GLY B 220 -37.42 23.32 -10.58
CA GLY B 220 -36.60 22.95 -11.72
C GLY B 220 -37.41 22.84 -13.00
N ILE B 221 -38.53 22.12 -12.94
CA ILE B 221 -39.43 21.98 -14.08
C ILE B 221 -39.89 23.32 -14.59
N LEU B 222 -40.43 24.15 -13.69
CA LEU B 222 -40.94 25.46 -14.06
C LEU B 222 -39.87 26.32 -14.73
N ALA B 223 -38.74 26.50 -14.05
CA ALA B 223 -37.66 27.32 -14.55
C ALA B 223 -37.16 26.85 -15.91
N LEU B 224 -36.87 25.56 -16.01
CA LEU B 224 -36.34 24.99 -17.25
C LEU B 224 -37.32 25.13 -18.41
N VAL B 225 -38.54 24.64 -18.21
CA VAL B 225 -39.55 24.65 -19.27
C VAL B 225 -39.88 26.08 -19.72
N VAL B 226 -40.04 26.99 -18.77
CA VAL B 226 -40.39 28.37 -19.10
C VAL B 226 -39.24 29.10 -19.80
N PHE B 227 -38.06 29.07 -19.20
CA PHE B 227 -36.94 29.88 -19.72
C PHE B 227 -36.26 29.27 -20.95
N PHE B 228 -35.94 27.99 -20.91
CA PHE B 228 -35.22 27.38 -22.03
C PHE B 228 -35.88 26.12 -22.57
N LYS B 229 -36.42 26.22 -23.79
CA LYS B 229 -37.03 25.07 -24.44
C LYS B 229 -36.09 24.39 -25.43
N GLU B 230 -34.89 24.95 -25.57
CA GLU B 230 -33.95 24.48 -26.58
C GLU B 230 -33.11 23.29 -26.11
N GLU B 231 -32.84 22.37 -27.02
CA GLU B 231 -31.96 21.23 -26.75
C GLU B 231 -30.51 21.67 -27.00
N THR B 232 -29.58 20.76 -26.76
CA THR B 232 -28.17 21.04 -26.99
C THR B 232 -27.85 21.09 -28.48
N PRO B 233 -27.00 22.05 -28.90
CA PRO B 233 -26.61 22.23 -30.31
C PRO B 233 -26.07 20.95 -30.94
N TYR B 234 -25.27 20.21 -30.18
CA TYR B 234 -24.69 18.95 -30.65
C TYR B 234 -25.79 17.96 -31.02
N PHE B 235 -26.77 17.82 -30.13
CA PHE B 235 -27.85 16.87 -30.34
C PHE B 235 -28.81 17.35 -31.41
N LEU B 236 -28.97 18.66 -31.53
CA LEU B 236 -29.82 19.25 -32.56
C LEU B 236 -29.22 18.96 -33.94
N PHE B 237 -27.90 19.10 -34.05
CA PHE B 237 -27.20 18.82 -35.29
C PHE B 237 -27.18 17.32 -35.57
N GLU B 238 -27.12 16.53 -34.50
CA GLU B 238 -27.10 15.07 -34.62
C GLU B 238 -28.41 14.53 -35.20
N LYS B 239 -29.51 15.22 -34.92
CA LYS B 239 -30.81 14.83 -35.46
C LYS B 239 -31.01 15.36 -36.87
N GLY B 240 -30.04 16.12 -37.36
CA GLY B 240 -30.10 16.66 -38.71
C GLY B 240 -30.61 18.09 -38.76
N ARG B 241 -30.83 18.69 -37.60
CA ARG B 241 -31.33 20.05 -37.54
C ARG B 241 -30.16 21.02 -37.41
N ILE B 242 -29.85 21.72 -38.49
CA ILE B 242 -28.71 22.64 -38.51
C ILE B 242 -29.04 24.03 -37.98
N GLU B 243 -30.17 24.57 -38.40
CA GLU B 243 -30.51 25.97 -38.17
C GLU B 243 -30.81 26.26 -36.70
N GLU B 244 -31.55 25.36 -36.07
CA GLU B 244 -31.87 25.52 -34.66
C GLU B 244 -30.62 25.39 -33.81
N SER B 245 -29.74 24.47 -34.20
CA SER B 245 -28.47 24.29 -33.54
C SER B 245 -27.63 25.55 -33.62
N LYS B 246 -27.56 26.14 -34.82
CA LYS B 246 -26.83 27.38 -35.02
C LYS B 246 -27.46 28.51 -34.22
N ASN B 247 -28.78 28.48 -34.06
CA ASN B 247 -29.51 29.50 -33.32
C ASN B 247 -29.20 29.46 -31.83
N ILE B 248 -29.36 28.27 -31.23
CA ILE B 248 -29.11 28.12 -29.81
C ILE B 248 -27.62 28.32 -29.50
N LEU B 249 -26.76 27.91 -30.43
CA LEU B 249 -25.33 28.13 -30.27
C LEU B 249 -25.02 29.62 -30.34
N LYS B 250 -25.78 30.34 -31.15
CA LYS B 250 -25.66 31.79 -31.24
C LYS B 250 -26.12 32.44 -29.95
N LYS B 251 -27.10 31.83 -29.30
CA LYS B 251 -27.59 32.30 -28.01
C LYS B 251 -26.55 32.06 -26.92
N ILE B 252 -25.83 30.94 -27.04
CA ILE B 252 -24.79 30.59 -26.08
C ILE B 252 -23.57 31.49 -26.19
N TYR B 253 -23.02 31.59 -27.40
CA TYR B 253 -21.77 32.32 -27.62
C TYR B 253 -21.95 33.83 -27.61
N GLU B 254 -23.19 34.29 -27.57
CA GLU B 254 -23.53 35.71 -27.56
C GLU B 254 -22.93 36.44 -28.77
N THR B 255 -22.93 35.76 -29.91
CA THR B 255 -22.41 36.33 -31.16
C THR B 255 -23.22 35.79 -32.33
N ASP B 256 -23.41 36.63 -33.35
CA ASP B 256 -24.25 36.28 -34.49
C ASP B 256 -23.72 35.10 -35.31
N ASN B 257 -22.41 34.88 -35.28
CA ASN B 257 -21.82 33.82 -36.09
C ASN B 257 -21.08 32.74 -35.30
N VAL B 258 -21.60 31.52 -35.43
CA VAL B 258 -21.14 30.34 -34.71
C VAL B 258 -20.12 29.49 -35.48
N ASP B 259 -19.64 30.01 -36.60
CA ASP B 259 -18.99 29.23 -37.66
C ASP B 259 -18.03 28.10 -37.22
N GLU B 260 -16.91 28.43 -36.59
CA GLU B 260 -15.91 27.41 -36.27
C GLU B 260 -16.42 26.30 -35.32
N PRO B 261 -17.08 26.67 -34.21
CA PRO B 261 -17.67 25.59 -33.40
C PRO B 261 -18.69 24.77 -34.18
N LEU B 262 -19.42 25.41 -35.08
CA LEU B 262 -20.37 24.70 -35.94
C LEU B 262 -19.66 23.70 -36.84
N ASN B 263 -18.45 24.06 -37.26
CA ASN B 263 -17.63 23.18 -38.07
C ASN B 263 -17.12 21.99 -37.26
N ALA B 264 -16.75 22.26 -36.02
CA ALA B 264 -16.32 21.20 -35.11
C ALA B 264 -17.44 20.19 -34.86
N ILE B 265 -18.62 20.71 -34.54
CA ILE B 265 -19.79 19.88 -34.33
C ILE B 265 -20.14 19.11 -35.59
N LYS B 266 -20.05 19.77 -36.74
CA LYS B 266 -20.30 19.13 -38.03
C LYS B 266 -19.36 17.96 -38.26
N GLU B 267 -18.09 18.15 -37.93
CA GLU B 267 -17.09 17.10 -38.06
C GLU B 267 -17.38 15.94 -37.11
N ALA B 268 -17.87 16.28 -35.91
CA ALA B 268 -18.24 15.28 -34.92
C ALA B 268 -19.39 14.40 -35.40
N VAL B 269 -20.46 15.05 -35.84
CA VAL B 269 -21.64 14.34 -36.35
C VAL B 269 -21.26 13.53 -37.59
N GLU B 270 -20.36 14.06 -38.40
CA GLU B 270 -19.85 13.34 -39.56
C GLU B 270 -19.11 12.09 -39.12
N GLN B 271 -18.38 12.19 -38.01
CA GLN B 271 -17.67 11.05 -37.45
C GLN B 271 -18.67 10.01 -36.95
N ASN B 272 -19.80 10.48 -36.44
CA ASN B 272 -20.87 9.57 -36.02
C ASN B 272 -21.50 8.85 -37.21
N GLU B 273 -21.67 9.57 -38.31
CA GLU B 273 -22.22 8.99 -39.54
C GLU B 273 -21.28 7.95 -40.11
N SER B 274 -19.98 8.26 -40.07
CA SER B 274 -18.96 7.33 -40.54
C SER B 274 -18.89 6.12 -39.61
N ALA B 275 -19.23 6.34 -38.34
CA ALA B 275 -19.30 5.26 -37.37
C ALA B 275 -20.49 4.37 -37.67
N LYS B 276 -21.54 4.97 -38.21
CA LYS B 276 -22.72 4.22 -38.63
C LYS B 276 -22.42 3.45 -39.91
N LYS B 277 -21.53 4.00 -40.73
CA LYS B 277 -21.09 3.34 -41.95
C LYS B 277 -20.35 2.04 -41.63
N ASN B 278 -19.51 2.10 -40.60
CA ASN B 278 -18.75 0.93 -40.17
C ASN B 278 -19.46 0.15 -39.09
N SER B 279 -20.68 0.59 -38.75
CA SER B 279 -21.50 -0.03 -37.71
C SER B 279 -20.74 -0.10 -36.38
N LEU B 280 -20.19 1.03 -35.96
CA LEU B 280 -19.40 1.10 -34.74
C LEU B 280 -20.28 1.08 -33.50
N SER B 281 -19.90 0.26 -32.53
CA SER B 281 -20.63 0.15 -31.27
C SER B 281 -19.65 0.03 -30.10
N LEU B 282 -20.19 -0.22 -28.91
CA LEU B 282 -19.38 -0.32 -27.71
C LEU B 282 -18.46 -1.55 -27.77
N LEU B 283 -18.99 -2.66 -28.26
CA LEU B 283 -18.24 -3.91 -28.35
C LEU B 283 -17.16 -3.82 -29.44
N SER B 284 -17.53 -3.22 -30.57
CA SER B 284 -16.59 -2.99 -31.65
C SER B 284 -15.49 -2.03 -31.20
N ALA B 285 -15.83 -1.20 -30.22
CA ALA B 285 -14.85 -0.32 -29.60
C ALA B 285 -13.97 -1.12 -28.64
N LEU B 286 -14.54 -2.15 -28.04
CA LEU B 286 -13.78 -3.04 -27.16
C LEU B 286 -12.76 -3.82 -27.97
N LYS B 287 -13.10 -4.14 -29.21
CA LYS B 287 -12.17 -4.83 -30.10
C LYS B 287 -10.93 -3.99 -30.41
N ILE B 288 -11.14 -2.80 -30.94
CA ILE B 288 -10.03 -1.93 -31.35
C ILE B 288 -9.24 -1.45 -30.14
N PRO B 289 -7.91 -1.64 -30.18
CA PRO B 289 -6.99 -1.31 -29.08
C PRO B 289 -7.13 0.12 -28.54
N SER B 290 -7.27 1.09 -29.43
CA SER B 290 -7.36 2.50 -29.01
C SER B 290 -8.62 2.78 -28.19
N TYR B 291 -9.77 2.40 -28.73
CA TYR B 291 -11.05 2.65 -28.07
C TYR B 291 -11.17 1.90 -26.75
N ARG B 292 -10.74 0.65 -26.73
CA ARG B 292 -10.76 -0.12 -25.49
C ARG B 292 -9.77 0.49 -24.50
N TYR B 293 -8.70 1.08 -25.02
CA TYR B 293 -7.71 1.73 -24.17
C TYR B 293 -8.31 2.94 -23.46
N VAL B 294 -8.92 3.84 -24.21
CA VAL B 294 -9.50 5.05 -23.61
C VAL B 294 -10.70 4.70 -22.72
N ILE B 295 -11.47 3.69 -23.11
CA ILE B 295 -12.59 3.24 -22.30
C ILE B 295 -12.11 2.70 -20.95
N ILE B 296 -11.12 1.81 -20.99
CA ILE B 296 -10.53 1.25 -19.79
C ILE B 296 -9.95 2.36 -18.90
N LEU B 297 -9.25 3.30 -19.52
CA LEU B 297 -8.68 4.43 -18.78
C LEU B 297 -9.77 5.23 -18.06
N GLY B 298 -10.85 5.51 -18.75
CA GLY B 298 -11.96 6.25 -18.17
C GLY B 298 -12.61 5.53 -17.00
N CYS B 299 -13.01 4.28 -17.24
CA CYS B 299 -13.66 3.47 -16.23
C CYS B 299 -12.79 3.29 -14.99
N LEU B 300 -11.51 3.02 -15.21
CA LEU B 300 -10.57 2.84 -14.11
C LEU B 300 -10.33 4.15 -13.37
N LEU B 301 -10.38 5.26 -14.10
CA LEU B 301 -10.22 6.58 -13.48
C LEU B 301 -11.39 6.85 -12.54
N SER B 302 -12.61 6.56 -13.00
CA SER B 302 -13.79 6.72 -12.19
C SER B 302 -13.75 5.81 -10.96
N GLY B 303 -13.34 4.56 -11.19
CA GLY B 303 -13.20 3.60 -10.12
C GLY B 303 -12.19 4.03 -9.08
N LEU B 304 -11.14 4.72 -9.52
CA LEU B 304 -10.12 5.24 -8.62
C LEU B 304 -10.62 6.47 -7.90
N GLN B 305 -11.57 7.18 -8.50
CA GLN B 305 -12.21 8.30 -7.82
C GLN B 305 -13.11 7.78 -6.71
N GLN B 306 -13.72 6.62 -6.94
CA GLN B 306 -14.57 5.99 -5.94
C GLN B 306 -13.75 5.33 -4.84
N PHE B 307 -12.63 4.73 -5.22
CA PHE B 307 -11.75 4.06 -4.26
C PHE B 307 -11.31 5.01 -3.15
N THR B 308 -11.31 6.30 -3.47
CA THR B 308 -10.91 7.31 -2.48
C THR B 308 -11.70 7.12 -1.19
N GLY B 309 -12.96 6.70 -1.34
CA GLY B 309 -13.82 6.43 -0.21
C GLY B 309 -14.04 7.67 0.64
N ILE B 310 -14.55 8.73 0.03
CA ILE B 310 -14.63 10.03 0.69
C ILE B 310 -15.74 10.09 1.76
N ASN B 311 -17.00 10.08 1.35
CA ASN B 311 -18.11 10.22 2.28
C ASN B 311 -18.24 9.01 3.19
N VAL B 312 -17.80 7.86 2.69
CA VAL B 312 -17.78 6.64 3.48
C VAL B 312 -16.85 6.81 4.67
N LEU B 313 -15.63 7.29 4.41
CA LEU B 313 -14.67 7.55 5.47
C LEU B 313 -15.16 8.69 6.36
N VAL B 314 -15.88 9.63 5.78
CA VAL B 314 -16.41 10.76 6.53
C VAL B 314 -17.40 10.30 7.59
N SER B 315 -18.41 9.54 7.18
CA SER B 315 -19.42 9.03 8.10
C SER B 315 -18.82 8.01 9.07
N ASN B 316 -18.08 7.06 8.52
CA ASN B 316 -17.45 6.02 9.33
C ASN B 316 -16.60 6.61 10.44
N SER B 317 -15.72 7.54 10.08
CA SER B 317 -14.88 8.22 11.08
C SER B 317 -15.71 9.14 11.96
N ASN B 318 -16.84 9.59 11.44
CA ASN B 318 -17.76 10.42 12.21
C ASN B 318 -18.33 9.66 13.40
N GLU B 319 -18.65 8.40 13.18
CA GLU B 319 -19.17 7.54 14.23
C GLU B 319 -18.15 6.50 14.71
N LEU B 320 -16.88 6.73 14.42
CA LEU B 320 -15.83 5.81 14.84
C LEU B 320 -15.18 6.23 16.15
N TYR B 321 -14.39 7.29 16.10
CA TYR B 321 -13.67 7.75 17.29
C TYR B 321 -14.37 8.96 17.90
N LYS B 322 -15.01 8.74 19.04
CA LYS B 322 -15.69 9.81 19.75
C LYS B 322 -14.71 10.62 20.60
N GLU B 323 -13.74 9.91 21.18
CA GLU B 323 -12.76 10.51 22.08
C GLU B 323 -13.45 11.23 23.24
N PHE B 324 -14.53 10.62 23.74
CA PHE B 324 -15.32 11.15 24.85
C PHE B 324 -15.91 12.53 24.55
N LEU B 325 -16.05 12.83 23.27
CA LEU B 325 -16.71 14.07 22.85
C LEU B 325 -18.23 13.87 22.81
N ASP B 326 -18.97 14.92 23.12
CA ASP B 326 -20.42 14.87 23.10
C ASP B 326 -20.92 14.62 21.67
N SER B 327 -22.11 14.02 21.56
CA SER B 327 -22.71 13.74 20.27
C SER B 327 -22.93 15.03 19.47
N HIS B 328 -23.20 16.10 20.19
CA HIS B 328 -23.34 17.42 19.58
C HIS B 328 -22.06 17.82 18.86
N LEU B 329 -20.92 17.56 19.50
CA LEU B 329 -19.62 17.85 18.90
C LEU B 329 -19.40 17.02 17.65
N ILE B 330 -19.91 15.80 17.66
CA ILE B 330 -19.82 14.91 16.51
C ILE B 330 -20.62 15.46 15.33
N THR B 331 -21.85 15.87 15.62
CA THR B 331 -22.71 16.48 14.61
C THR B 331 -22.05 17.73 14.05
N ILE B 332 -21.44 18.52 14.94
CA ILE B 332 -20.70 19.71 14.53
C ILE B 332 -19.56 19.34 13.60
N LEU B 333 -18.86 18.25 13.90
CA LEU B 333 -17.80 17.75 13.05
C LEU B 333 -18.32 17.44 11.65
N SER B 334 -19.48 16.79 11.59
CA SER B 334 -20.10 16.46 10.30
C SER B 334 -20.49 17.71 9.52
N VAL B 335 -21.03 18.71 10.21
CA VAL B 335 -21.41 19.99 9.61
C VAL B 335 -20.20 20.73 9.04
N VAL B 336 -19.16 20.88 9.85
CA VAL B 336 -17.97 21.60 9.41
C VAL B 336 -17.22 20.83 8.33
N MET B 337 -17.40 19.51 8.30
CA MET B 337 -16.80 18.71 7.23
C MET B 337 -17.49 18.97 5.90
N THR B 338 -18.82 19.03 5.92
CA THR B 338 -19.58 19.34 4.70
C THR B 338 -19.31 20.78 4.23
N ALA B 339 -19.30 21.70 5.19
CA ALA B 339 -18.97 23.10 4.89
C ALA B 339 -17.59 23.19 4.28
N VAL B 340 -16.67 22.41 4.81
CA VAL B 340 -15.32 22.32 4.26
C VAL B 340 -15.37 21.81 2.84
N ASN B 341 -16.22 20.82 2.57
CA ASN B 341 -16.40 20.28 1.23
C ASN B 341 -16.80 21.37 0.24
N PHE B 342 -17.83 22.14 0.58
CA PHE B 342 -18.30 23.24 -0.27
C PHE B 342 -17.24 24.34 -0.49
N LEU B 343 -16.77 24.88 0.64
CA LEU B 343 -15.80 25.97 0.64
C LEU B 343 -14.51 25.57 -0.05
N MET B 344 -14.22 24.28 -0.11
CA MET B 344 -13.11 23.78 -0.90
C MET B 344 -13.54 23.46 -2.32
N THR B 345 -14.85 23.38 -2.53
CA THR B 345 -15.41 23.11 -3.84
C THR B 345 -15.23 24.32 -4.74
N PHE B 346 -15.29 25.52 -4.15
CA PHE B 346 -15.07 26.74 -4.96
C PHE B 346 -13.62 26.89 -5.54
N PRO B 347 -12.58 26.71 -4.71
CA PRO B 347 -11.23 26.77 -5.30
C PRO B 347 -11.01 25.72 -6.38
N ALA B 348 -11.87 24.71 -6.42
CA ALA B 348 -11.87 23.76 -7.50
C ALA B 348 -12.18 24.48 -8.80
N ILE B 349 -13.18 25.35 -8.78
CA ILE B 349 -13.53 26.12 -9.97
C ILE B 349 -12.39 27.07 -10.28
N TYR B 350 -11.71 27.55 -9.23
CA TYR B 350 -10.57 28.43 -9.45
C TYR B 350 -9.45 27.74 -10.23
N ILE B 351 -8.95 26.64 -9.68
CA ILE B 351 -7.81 25.92 -10.25
C ILE B 351 -8.15 25.29 -11.60
N VAL B 352 -9.36 24.75 -11.72
CA VAL B 352 -9.81 24.20 -13.00
C VAL B 352 -9.86 25.32 -14.04
N GLU B 353 -10.32 26.49 -13.64
CA GLU B 353 -10.35 27.64 -14.54
C GLU B 353 -8.95 28.05 -14.98
N LYS B 354 -7.98 27.97 -14.07
CA LYS B 354 -6.65 28.46 -14.38
C LYS B 354 -5.63 27.37 -14.73
N LEU B 355 -5.19 26.62 -13.72
CA LEU B 355 -4.06 25.70 -13.87
C LEU B 355 -4.25 24.63 -14.93
N GLY B 356 -5.30 23.82 -14.77
CA GLY B 356 -5.52 22.70 -15.68
C GLY B 356 -6.32 21.59 -15.03
N ARG B 357 -6.15 20.38 -15.55
CA ARG B 357 -6.92 19.23 -15.08
C ARG B 357 -6.02 18.21 -14.38
N LYS B 358 -5.09 17.62 -15.14
CA LYS B 358 -4.20 16.58 -14.64
C LYS B 358 -3.38 17.02 -13.42
N THR B 359 -2.81 18.22 -13.50
CA THR B 359 -1.99 18.77 -12.41
C THR B 359 -2.77 18.81 -11.11
N LEU B 360 -4.00 19.31 -11.18
CA LEU B 360 -4.88 19.39 -10.03
C LEU B 360 -5.12 18.00 -9.43
N LEU B 361 -5.29 17.01 -10.31
CA LEU B 361 -5.44 15.62 -9.88
C LEU B 361 -4.20 15.15 -9.13
N LEU B 362 -3.03 15.53 -9.64
CA LEU B 362 -1.77 15.16 -8.99
C LEU B 362 -1.66 15.76 -7.59
N TRP B 363 -1.92 17.06 -7.48
CA TRP B 363 -1.87 17.73 -6.18
C TRP B 363 -2.88 17.14 -5.20
N GLY B 364 -4.05 16.76 -5.72
CA GLY B 364 -5.07 16.13 -4.90
C GLY B 364 -4.61 14.78 -4.38
N CYS B 365 -4.01 13.99 -5.26
CA CYS B 365 -3.47 12.70 -4.87
C CYS B 365 -2.36 12.87 -3.83
N VAL B 366 -1.62 13.97 -3.95
CA VAL B 366 -0.61 14.32 -2.96
C VAL B 366 -1.27 14.55 -1.60
N GLY B 367 -2.33 15.36 -1.60
CA GLY B 367 -3.06 15.63 -0.39
C GLY B 367 -3.60 14.38 0.28
N VAL B 368 -4.25 13.53 -0.51
CA VAL B 368 -4.82 12.28 -0.01
C VAL B 368 -3.72 11.35 0.52
N LEU B 369 -2.58 11.33 -0.16
CA LEU B 369 -1.44 10.51 0.27
C LEU B 369 -0.93 10.98 1.63
N VAL B 370 -0.59 12.25 1.72
CA VAL B 370 -0.06 12.85 2.95
C VAL B 370 -1.06 12.75 4.09
N ALA B 371 -2.34 12.69 3.75
CA ALA B 371 -3.38 12.51 4.77
C ALA B 371 -3.45 11.06 5.25
N TYR B 372 -3.43 10.12 4.32
CA TYR B 372 -3.67 8.72 4.64
C TYR B 372 -2.48 7.96 5.23
N LEU B 373 -1.27 8.28 4.78
CA LEU B 373 -0.08 7.52 5.21
C LEU B 373 0.18 7.60 6.73
N PRO B 374 0.28 8.82 7.30
CA PRO B 374 0.49 8.84 8.75
C PRO B 374 -0.72 8.34 9.53
N THR B 375 -1.89 8.44 8.91
CA THR B 375 -3.12 7.89 9.49
C THR B 375 -3.01 6.37 9.57
N ALA B 376 -2.58 5.77 8.47
CA ALA B 376 -2.39 4.32 8.39
C ALA B 376 -1.36 3.86 9.42
N ILE B 377 -0.24 4.56 9.48
CA ILE B 377 0.83 4.21 10.42
C ILE B 377 0.37 4.32 11.87
N ALA B 378 -0.16 5.49 12.23
CA ALA B 378 -0.61 5.75 13.60
C ALA B 378 -1.69 4.79 14.04
N ASN B 379 -2.62 4.48 13.14
CA ASN B 379 -3.68 3.52 13.45
C ASN B 379 -3.16 2.09 13.47
N GLU B 380 -2.01 1.87 12.82
CA GLU B 380 -1.35 0.57 12.86
C GLU B 380 -0.60 0.40 14.17
N ILE B 381 -0.22 1.52 14.79
CA ILE B 381 0.49 1.48 16.05
C ILE B 381 -0.44 1.13 17.21
N ASN B 382 -1.33 2.07 17.56
CA ASN B 382 -2.27 1.86 18.65
C ASN B 382 -3.58 2.61 18.46
N ARG B 383 -4.67 1.99 18.90
CA ARG B 383 -5.98 2.65 18.88
C ARG B 383 -6.27 3.27 20.24
N ASN B 384 -7.42 3.93 20.34
CA ASN B 384 -7.84 4.59 21.59
C ASN B 384 -6.79 5.55 22.12
N SER B 385 -6.05 6.18 21.21
CA SER B 385 -5.00 7.12 21.58
C SER B 385 -5.37 8.54 21.18
N ASN B 386 -4.93 9.51 21.98
CA ASN B 386 -5.27 10.91 21.75
C ASN B 386 -4.73 11.47 20.44
N PHE B 387 -3.42 11.39 20.25
CA PHE B 387 -2.78 11.97 19.08
C PHE B 387 -3.15 11.21 17.81
N VAL B 388 -3.50 9.93 17.97
CA VAL B 388 -3.96 9.12 16.85
C VAL B 388 -5.29 9.67 16.35
N LYS B 389 -6.20 9.92 17.27
CA LYS B 389 -7.51 10.47 16.94
C LYS B 389 -7.39 11.87 16.34
N ILE B 390 -6.60 12.72 16.98
CA ILE B 390 -6.39 14.08 16.49
C ILE B 390 -5.81 14.09 15.08
N LEU B 391 -4.72 13.34 14.88
CA LEU B 391 -4.08 13.24 13.59
C LEU B 391 -5.02 12.68 12.53
N SER B 392 -5.86 11.72 12.94
CA SER B 392 -6.83 11.12 12.02
C SER B 392 -7.87 12.14 11.57
N ILE B 393 -8.34 12.96 12.51
CA ILE B 393 -9.35 13.97 12.20
C ILE B 393 -8.79 15.07 11.31
N VAL B 394 -7.60 15.58 11.67
CA VAL B 394 -6.95 16.61 10.86
C VAL B 394 -6.64 16.10 9.46
N ALA B 395 -6.15 14.86 9.39
CA ALA B 395 -5.87 14.22 8.10
C ALA B 395 -7.16 14.05 7.32
N THR B 396 -8.26 13.83 8.01
CA THR B 396 -9.57 13.73 7.35
C THR B 396 -9.94 15.07 6.75
N PHE B 397 -9.64 16.15 7.47
CA PHE B 397 -9.89 17.50 6.98
C PHE B 397 -9.11 17.77 5.70
N VAL B 398 -7.79 17.57 5.76
CA VAL B 398 -6.93 17.78 4.59
C VAL B 398 -7.39 16.91 3.42
N MET B 399 -7.75 15.66 3.74
CA MET B 399 -8.13 14.68 2.73
C MET B 399 -9.42 15.09 2.02
N ILE B 400 -10.43 15.54 2.76
CA ILE B 400 -11.69 15.91 2.13
C ILE B 400 -11.51 17.19 1.32
N ILE B 401 -10.74 18.14 1.85
CA ILE B 401 -10.44 19.36 1.10
C ILE B 401 -9.82 19.01 -0.25
N SER B 402 -8.68 18.33 -0.18
CA SER B 402 -7.91 17.97 -1.37
C SER B 402 -8.72 17.14 -2.35
N PHE B 403 -9.33 16.07 -1.86
CA PHE B 403 -10.11 15.19 -2.72
C PHE B 403 -11.22 15.93 -3.45
N ALA B 404 -11.99 16.71 -2.71
CA ALA B 404 -13.05 17.49 -3.35
C ALA B 404 -12.46 18.36 -4.45
N VAL B 405 -11.70 19.37 -3.99
CA VAL B 405 -11.17 20.46 -4.81
C VAL B 405 -10.40 19.98 -6.03
N SER B 406 -9.83 18.80 -5.92
CA SER B 406 -9.03 18.27 -7.01
C SER B 406 -9.82 17.29 -7.86
N TYR B 407 -10.24 16.21 -7.20
CA TYR B 407 -10.77 15.04 -7.89
C TYR B 407 -12.19 15.14 -8.43
N GLY B 408 -13.11 15.80 -7.74
CA GLY B 408 -14.50 15.58 -8.13
C GLY B 408 -14.95 16.14 -9.48
N PRO B 409 -14.88 17.48 -9.62
CA PRO B 409 -15.26 18.13 -10.87
C PRO B 409 -14.41 17.64 -12.02
N VAL B 410 -13.10 17.60 -11.81
CA VAL B 410 -12.16 17.16 -12.83
C VAL B 410 -12.51 15.74 -13.28
N LEU B 411 -12.90 14.89 -12.34
CA LEU B 411 -13.33 13.55 -12.69
C LEU B 411 -14.49 13.60 -13.66
N TRP B 412 -15.57 14.29 -13.29
CA TRP B 412 -16.74 14.30 -14.18
C TRP B 412 -16.45 14.93 -15.55
N ILE B 413 -15.94 16.16 -15.54
CA ILE B 413 -15.63 16.89 -16.75
C ILE B 413 -14.70 16.11 -17.68
N TYR B 414 -13.60 15.60 -17.14
CA TYR B 414 -12.64 14.85 -17.94
C TYR B 414 -13.24 13.55 -18.42
N LEU B 415 -14.17 12.99 -17.65
CA LEU B 415 -14.88 11.79 -18.06
C LEU B 415 -15.68 12.07 -19.32
N HIS B 416 -16.26 13.27 -19.40
CA HIS B 416 -16.99 13.64 -20.62
C HIS B 416 -16.08 14.11 -21.76
N GLU B 417 -14.92 14.66 -21.43
CA GLU B 417 -14.01 15.21 -22.43
C GLU B 417 -13.16 14.15 -23.14
N MET B 418 -12.67 13.18 -22.38
CA MET B 418 -11.68 12.23 -22.87
C MET B 418 -12.19 11.33 -24.01
N PHE B 419 -13.50 11.15 -24.08
CA PHE B 419 -14.07 10.27 -25.10
C PHE B 419 -14.39 11.01 -26.39
N PRO B 420 -13.91 10.47 -27.52
CA PRO B 420 -14.16 11.07 -28.84
C PRO B 420 -15.63 11.01 -29.23
N SER B 421 -16.01 11.82 -30.22
CA SER B 421 -17.41 11.90 -30.65
C SER B 421 -17.91 10.58 -31.21
N GLU B 422 -17.00 9.80 -31.79
CA GLU B 422 -17.34 8.51 -32.38
C GLU B 422 -18.03 7.60 -31.36
N ILE B 423 -17.35 7.38 -30.23
CA ILE B 423 -17.98 6.69 -29.11
C ILE B 423 -17.80 7.52 -27.84
N LYS B 424 -18.92 8.03 -27.31
CA LYS B 424 -18.88 8.91 -26.16
C LYS B 424 -19.88 8.50 -25.08
N ASP B 425 -21.16 8.60 -25.43
CA ASP B 425 -22.25 8.37 -24.49
C ASP B 425 -22.20 7.00 -23.81
N SER B 426 -21.99 5.96 -24.61
CA SER B 426 -21.96 4.60 -24.09
C SER B 426 -20.78 4.38 -23.15
N ALA B 427 -19.61 4.87 -23.53
CA ALA B 427 -18.40 4.71 -22.74
C ALA B 427 -18.50 5.48 -21.41
N ALA B 428 -19.07 6.68 -21.48
CA ALA B 428 -19.22 7.52 -20.30
C ALA B 428 -20.25 6.92 -19.34
N SER B 429 -21.36 6.43 -19.91
CA SER B 429 -22.42 5.82 -19.12
C SER B 429 -21.92 4.55 -18.44
N LEU B 430 -21.13 3.76 -19.19
CA LEU B 430 -20.53 2.56 -18.63
C LEU B 430 -19.53 2.93 -17.54
N ALA B 431 -18.85 4.06 -17.73
CA ALA B 431 -17.90 4.56 -16.74
C ALA B 431 -18.60 4.94 -15.45
N SER B 432 -19.79 5.53 -15.58
CA SER B 432 -20.59 5.89 -14.41
C SER B 432 -21.17 4.63 -13.75
N LEU B 433 -21.43 3.62 -14.56
CA LEU B 433 -21.88 2.33 -14.05
C LEU B 433 -20.77 1.75 -13.17
N VAL B 434 -19.55 1.82 -13.68
CA VAL B 434 -18.36 1.42 -12.92
C VAL B 434 -18.28 2.25 -11.64
N ASN B 435 -18.63 3.53 -11.75
CA ASN B 435 -18.59 4.42 -10.60
C ASN B 435 -19.55 3.97 -9.50
N TRP B 436 -20.73 3.50 -9.89
CA TRP B 436 -21.72 3.06 -8.91
C TRP B 436 -21.40 1.68 -8.34
N VAL B 437 -20.87 0.79 -9.17
CA VAL B 437 -20.43 -0.52 -8.68
C VAL B 437 -19.33 -0.35 -7.64
N CYS B 438 -18.31 0.41 -8.02
CA CYS B 438 -17.21 0.75 -7.13
C CYS B 438 -17.72 1.52 -5.92
N ALA B 439 -18.82 2.25 -6.10
CA ALA B 439 -19.45 2.95 -4.99
C ALA B 439 -19.96 1.97 -3.95
N ILE B 440 -20.72 0.97 -4.39
CA ILE B 440 -21.20 -0.07 -3.49
C ILE B 440 -20.04 -0.77 -2.78
N ILE B 441 -19.10 -1.25 -3.60
CA ILE B 441 -17.92 -1.97 -3.13
C ILE B 441 -17.15 -1.18 -2.07
N VAL B 442 -16.97 0.11 -2.29
CA VAL B 442 -16.44 0.98 -1.26
C VAL B 442 -17.35 0.96 -0.03
N VAL B 443 -18.58 1.45 -0.19
CA VAL B 443 -19.47 1.69 0.94
C VAL B 443 -19.64 0.51 1.91
N PHE B 444 -20.28 -0.57 1.47
CA PHE B 444 -20.66 -1.61 2.46
C PHE B 444 -19.47 -2.41 3.05
N PRO B 445 -18.60 -2.96 2.19
CA PRO B 445 -17.44 -3.67 2.75
C PRO B 445 -16.53 -2.80 3.61
N SER B 446 -16.49 -1.49 3.39
CA SER B 446 -15.69 -0.61 4.23
C SER B 446 -16.34 -0.46 5.60
N ASP B 447 -17.65 -0.61 5.65
CA ASP B 447 -18.36 -0.60 6.92
C ASP B 447 -18.05 -1.88 7.68
N ILE B 448 -18.08 -3.01 6.97
CA ILE B 448 -17.71 -4.28 7.60
C ILE B 448 -16.26 -4.27 8.10
N ILE B 449 -15.37 -3.73 7.28
CA ILE B 449 -13.94 -3.66 7.63
C ILE B 449 -13.70 -2.72 8.80
N ILE B 450 -14.33 -1.55 8.78
CA ILE B 450 -14.18 -0.58 9.86
C ILE B 450 -14.81 -1.13 11.13
N LYS B 451 -15.72 -2.09 10.97
CA LYS B 451 -16.23 -2.83 12.12
C LYS B 451 -15.17 -3.79 12.63
N LYS B 452 -14.46 -4.42 11.70
CA LYS B 452 -13.35 -5.32 12.05
C LYS B 452 -12.17 -4.56 12.67
N SER B 453 -11.65 -3.59 11.92
CA SER B 453 -10.49 -2.79 12.34
C SER B 453 -10.16 -1.72 11.31
N PRO B 454 -9.82 -0.50 11.78
CA PRO B 454 -9.57 0.66 10.93
C PRO B 454 -8.27 0.59 10.11
N SER B 455 -7.27 -0.12 10.61
CA SER B 455 -5.96 -0.17 9.97
C SER B 455 -6.03 -0.70 8.54
N ILE B 456 -6.84 -1.74 8.34
CA ILE B 456 -7.03 -2.32 7.02
C ILE B 456 -7.54 -1.29 6.03
N LEU B 457 -8.67 -0.67 6.37
CA LEU B 457 -9.30 0.33 5.52
C LEU B 457 -8.37 1.49 5.22
N PHE B 458 -7.68 1.96 6.25
CA PHE B 458 -6.75 3.07 6.10
C PHE B 458 -5.60 2.74 5.16
N ILE B 459 -4.98 1.57 5.34
CA ILE B 459 -3.82 1.22 4.54
C ILE B 459 -4.21 0.89 3.10
N VAL B 460 -5.38 0.28 2.89
CA VAL B 460 -5.79 -0.04 1.52
C VAL B 460 -6.25 1.23 0.80
N PHE B 461 -6.83 2.16 1.53
CA PHE B 461 -7.21 3.45 0.95
C PHE B 461 -5.97 4.25 0.58
N SER B 462 -4.95 4.18 1.44
CA SER B 462 -3.69 4.87 1.17
C SER B 462 -3.01 4.28 -0.07
N VAL B 463 -2.91 2.95 -0.10
CA VAL B 463 -2.29 2.26 -1.23
C VAL B 463 -3.02 2.56 -2.54
N MET B 464 -4.34 2.47 -2.51
CA MET B 464 -5.13 2.78 -3.71
C MET B 464 -5.01 4.24 -4.11
N SER B 465 -4.76 5.10 -3.13
CA SER B 465 -4.58 6.52 -3.40
C SER B 465 -3.24 6.77 -4.12
N ILE B 466 -2.20 6.09 -3.66
CA ILE B 466 -0.89 6.19 -4.31
C ILE B 466 -0.95 5.60 -5.72
N LEU B 467 -1.64 4.48 -5.85
CA LEU B 467 -1.83 3.84 -7.15
C LEU B 467 -2.58 4.78 -8.08
N THR B 468 -3.54 5.53 -7.51
CA THR B 468 -4.27 6.53 -8.27
C THR B 468 -3.35 7.66 -8.72
N PHE B 469 -2.42 8.03 -7.84
CA PHE B 469 -1.44 9.07 -8.13
C PHE B 469 -0.57 8.66 -9.32
N PHE B 470 0.01 7.47 -9.25
CA PHE B 470 0.84 6.95 -10.34
C PHE B 470 0.05 6.79 -11.64
N PHE B 471 -1.17 6.27 -11.53
CA PHE B 471 -2.01 6.03 -12.70
C PHE B 471 -2.37 7.32 -13.42
N ILE B 472 -2.81 8.33 -12.66
CA ILE B 472 -3.15 9.62 -13.23
C ILE B 472 -1.90 10.29 -13.79
N PHE B 473 -0.77 10.09 -13.12
CA PHE B 473 0.49 10.66 -13.56
C PHE B 473 0.92 10.14 -14.93
N PHE B 474 1.02 8.82 -15.05
CA PHE B 474 1.53 8.20 -16.27
C PHE B 474 0.51 8.07 -17.41
N PHE B 475 -0.71 7.66 -17.07
CA PHE B 475 -1.68 7.23 -18.08
C PHE B 475 -2.68 8.28 -18.54
N ILE B 476 -2.60 9.49 -17.99
CA ILE B 476 -3.59 10.51 -18.30
C ILE B 476 -2.98 11.77 -18.94
N LYS B 477 -3.61 12.23 -20.02
CA LYS B 477 -3.19 13.44 -20.71
C LYS B 477 -4.22 14.56 -20.51
N GLU B 478 -3.76 15.80 -20.49
CA GLU B 478 -4.63 16.95 -20.23
C GLU B 478 -5.41 17.38 -21.46
N THR B 479 -6.73 17.47 -21.31
CA THR B 479 -7.63 17.83 -22.41
C THR B 479 -7.99 19.32 -22.45
N LYS B 480 -7.34 20.12 -21.59
CA LYS B 480 -7.65 21.55 -21.48
C LYS B 480 -7.62 22.27 -22.83
N GLY B 481 -8.69 23.01 -23.11
CA GLY B 481 -8.82 23.72 -24.37
C GLY B 481 -9.22 22.81 -25.51
N GLY B 482 -9.54 21.57 -25.18
CA GLY B 482 -9.88 20.57 -26.18
C GLY B 482 -11.20 20.80 -26.88
N GLU B 483 -11.26 20.47 -28.16
CA GLU B 483 -12.47 20.61 -28.95
C GLU B 483 -13.51 19.57 -28.56
N ILE B 484 -14.76 19.83 -28.91
CA ILE B 484 -15.85 18.90 -28.62
C ILE B 484 -15.69 17.59 -29.40
N GLY B 485 -15.77 16.47 -28.69
CA GLY B 485 -15.70 15.16 -29.31
C GLY B 485 -14.35 14.81 -29.88
N THR B 486 -13.30 14.99 -29.08
CA THR B 486 -11.95 14.62 -29.49
C THR B 486 -11.12 14.15 -28.29
N SER B 487 -10.03 13.45 -28.59
CA SER B 487 -9.16 12.93 -27.54
C SER B 487 -7.69 13.11 -27.92
N PRO B 488 -6.82 13.39 -26.93
CA PRO B 488 -5.39 13.49 -27.17
C PRO B 488 -4.77 12.13 -27.49
N TYR B 489 -5.49 11.07 -27.18
CA TYR B 489 -5.00 9.71 -27.34
C TYR B 489 -5.06 9.23 -28.79
N ILE B 490 -6.15 9.57 -29.49
CA ILE B 490 -6.39 9.06 -30.83
C ILE B 490 -6.44 10.16 -31.89
N THR B 491 -5.76 9.93 -33.00
CA THR B 491 -5.83 10.82 -34.15
C THR B 491 -7.08 10.51 -34.96
N MET B 492 -7.19 11.09 -36.16
CA MET B 492 -8.34 10.82 -37.00
C MET B 492 -8.29 9.39 -37.52
N GLU B 493 -9.34 8.63 -37.21
CA GLU B 493 -9.42 7.20 -37.51
C GLU B 493 -8.12 6.45 -37.21
#